data_2GMJ
#
_entry.id   2GMJ
#
_cell.length_a   154.839
_cell.length_b   154.839
_cell.length_c   130.199
_cell.angle_alpha   90.00
_cell.angle_beta   90.00
_cell.angle_gamma   90.00
#
_symmetry.space_group_name_H-M   'P 4 21 2'
#
loop_
_entity.id
_entity.type
_entity.pdbx_description
1 polymer 'Electron transfer flavoprotein-ubiquinone oxidoreductase'
2 non-polymer 'IRON/SULFUR CLUSTER'
3 non-polymer 'FLAVIN-ADENINE DINUCLEOTIDE'
4 non-polymer 'TERTIARY-BUTYL ALCOHOL'
5 water water
#
_entity_poly.entity_id   1
_entity_poly.type   'polypeptide(L)'
_entity_poly.pdbx_seq_one_letter_code
;SSTCKVPRITTHYTIYPRDQDKRWEGVNMERFAEEADVVIVGAGPAGLSAATRLKQLAAQHEKDLRVCLVEKAAHIGAHT
LSGACLDPRAFEELFPDWKEKGAPLNTPVTEDRFGILTEKYRIPVPILPGLPMNNHGNYVVRLGHLVSWMGEQAEALGVE
VYPGYAAAEILFHEDGSVKGIATNDVGIQKDGAPKTTFERGLELHAKVTIFAEGCHGHLAKQLYKKFDLRANCEPQTYGI
GLKELWVIDEKKWKPGRVDHTVGWPLDRHTYGGSFLYHLNEGEPLLALGFVVGLDYQNPYLSPFREFQRWKHHPSIKPTL
EGGKRIAYGARALNEGGFQSIPKLTFPGGLLIGCSPGFMNVPKIKGTHTAMKSGTLAAESIFNQLTSENLQSKTIGLHVT
EYEDNLKNSWVWKELYSVRNIRPSCHGILGVYGGMIYTGIFYWIFRGMEPWTLKHKGSDSDQLKPAKDCTPIEYPKPDGQ
ISFDLLSSVALSGTNHEHDQPAHLTLKDDSVPVNRNLSIYDGPEQRFCPAGVYEFVPLEQGDGFRLQINAQNCVHCKTCD
IKDPSQNINWVVPEGGGGPAYNGM
;
_entity_poly.pdbx_strand_id   A,B
#
loop_
_chem_comp.id
_chem_comp.type
_chem_comp.name
_chem_comp.formula
FAD non-polymer 'FLAVIN-ADENINE DINUCLEOTIDE' 'C27 H33 N9 O15 P2'
SF4 non-polymer 'IRON/SULFUR CLUSTER' 'Fe4 S4'
TBU non-polymer 'TERTIARY-BUTYL ALCOHOL' 'C4 H10 O'
#
# COMPACT_ATOMS: atom_id res chain seq x y z
N CYS A 4 -54.94 -21.90 16.72
CA CYS A 4 -53.85 -22.71 16.14
C CYS A 4 -52.61 -22.80 17.06
N LYS A 5 -51.77 -23.77 16.75
CA LYS A 5 -50.60 -24.15 17.53
C LYS A 5 -49.15 -23.68 17.36
N VAL A 6 -48.29 -24.70 17.48
CA VAL A 6 -46.83 -24.70 17.50
C VAL A 6 -45.92 -24.39 16.27
N PRO A 7 -46.46 -24.16 15.07
CA PRO A 7 -47.79 -24.10 14.51
C PRO A 7 -47.92 -25.02 13.27
N ARG A 8 -47.08 -26.06 13.19
CA ARG A 8 -47.12 -26.94 12.02
C ARG A 8 -46.57 -25.93 11.01
N ILE A 9 -45.34 -25.51 11.25
CA ILE A 9 -44.63 -24.53 10.44
C ILE A 9 -44.41 -25.02 9.03
N THR A 10 -44.31 -26.34 8.89
CA THR A 10 -44.07 -26.93 7.59
C THR A 10 -45.25 -27.62 6.94
N THR A 11 -45.58 -27.17 5.73
CA THR A 11 -46.72 -27.71 5.02
C THR A 11 -46.46 -28.02 3.55
N HIS A 12 -45.24 -27.74 3.09
CA HIS A 12 -44.86 -27.95 1.68
C HIS A 12 -45.03 -29.39 1.21
N TYR A 13 -45.56 -29.55 -0.01
CA TYR A 13 -45.79 -30.88 -0.59
C TYR A 13 -44.60 -31.83 -0.63
N THR A 14 -43.39 -31.29 -0.52
CA THR A 14 -42.20 -32.14 -0.57
C THR A 14 -41.99 -32.92 0.71
N ILE A 15 -42.62 -32.47 1.79
CA ILE A 15 -42.49 -33.15 3.06
C ILE A 15 -43.82 -33.82 3.43
N TYR A 16 -44.92 -33.25 2.95
CA TYR A 16 -46.23 -33.80 3.16
C TYR A 16 -46.92 -33.90 1.79
N PRO A 17 -46.57 -34.93 1.01
CA PRO A 17 -47.06 -35.26 -0.33
C PRO A 17 -48.56 -35.11 -0.35
N ARG A 18 -49.07 -34.43 -1.38
CA ARG A 18 -50.49 -34.21 -1.47
C ARG A 18 -51.15 -35.43 -2.07
N ASP A 19 -50.38 -36.49 -2.22
CA ASP A 19 -50.95 -37.72 -2.78
C ASP A 19 -51.37 -38.58 -1.55
N GLN A 20 -51.13 -38.02 -0.36
CA GLN A 20 -51.48 -38.66 0.90
C GLN A 20 -52.32 -37.78 1.82
N ASP A 21 -52.72 -36.60 1.36
CA ASP A 21 -53.59 -35.82 2.23
C ASP A 21 -54.93 -35.69 1.52
N LYS A 22 -55.98 -35.92 2.30
CA LYS A 22 -57.36 -35.90 1.82
C LYS A 22 -57.81 -34.66 1.06
N ARG A 23 -57.32 -33.51 1.48
CA ARG A 23 -57.68 -32.25 0.86
C ARG A 23 -57.43 -32.27 -0.64
N TRP A 24 -56.60 -33.19 -1.10
CA TRP A 24 -56.29 -33.28 -2.53
C TRP A 24 -57.00 -34.42 -3.25
N GLU A 25 -57.85 -35.12 -2.50
CA GLU A 25 -58.63 -36.25 -2.99
C GLU A 25 -59.07 -36.17 -4.46
N GLY A 26 -59.74 -35.09 -4.86
CA GLY A 26 -60.21 -35.00 -6.23
C GLY A 26 -59.45 -34.17 -7.25
N VAL A 27 -58.36 -33.54 -6.84
CA VAL A 27 -57.60 -32.73 -7.77
C VAL A 27 -56.98 -33.62 -8.85
N ASN A 28 -56.88 -33.10 -10.06
CA ASN A 28 -56.29 -33.84 -11.18
C ASN A 28 -54.86 -33.37 -11.39
N MET A 29 -53.88 -34.24 -11.10
CA MET A 29 -52.47 -33.87 -11.23
C MET A 29 -51.82 -33.97 -12.62
N GLU A 30 -52.61 -34.26 -13.63
CA GLU A 30 -52.14 -34.37 -15.01
C GLU A 30 -51.37 -33.11 -15.46
N ARG A 31 -50.18 -33.24 -16.02
CA ARG A 31 -49.44 -32.06 -16.50
C ARG A 31 -49.31 -32.14 -18.01
N PHE A 32 -49.24 -31.00 -18.69
CA PHE A 32 -49.03 -31.06 -20.15
C PHE A 32 -47.52 -31.19 -20.24
N ALA A 33 -47.00 -31.74 -21.32
CA ALA A 33 -45.55 -31.91 -21.47
C ALA A 33 -45.01 -31.44 -22.80
N GLU A 34 -43.78 -30.94 -22.78
CA GLU A 34 -43.12 -30.42 -23.98
C GLU A 34 -41.84 -31.20 -24.19
N GLU A 35 -41.58 -31.55 -25.45
CA GLU A 35 -40.41 -32.32 -25.84
C GLU A 35 -39.31 -31.45 -26.41
N ALA A 36 -38.09 -31.61 -25.93
CA ALA A 36 -36.96 -30.86 -26.44
C ALA A 36 -35.76 -31.80 -26.54
N ASP A 37 -34.63 -31.29 -27.01
CA ASP A 37 -33.43 -32.11 -27.12
C ASP A 37 -32.60 -31.90 -25.86
N VAL A 38 -32.52 -30.64 -25.45
CA VAL A 38 -31.77 -30.28 -24.26
C VAL A 38 -32.50 -29.27 -23.40
N VAL A 39 -32.66 -29.60 -22.12
CA VAL A 39 -33.29 -28.71 -21.18
C VAL A 39 -32.22 -28.20 -20.24
N ILE A 40 -32.20 -26.90 -20.00
CA ILE A 40 -31.20 -26.34 -19.12
C ILE A 40 -31.89 -25.70 -17.92
N VAL A 41 -31.34 -25.96 -16.75
CA VAL A 41 -31.89 -25.43 -15.51
C VAL A 41 -30.99 -24.35 -14.88
N GLY A 42 -31.42 -23.10 -15.04
CA GLY A 42 -30.69 -21.96 -14.52
C GLY A 42 -30.19 -21.05 -15.63
N ALA A 43 -30.62 -19.79 -15.63
CA ALA A 43 -30.17 -18.85 -16.66
C ALA A 43 -29.06 -17.96 -16.14
N GLY A 44 -28.00 -18.59 -15.62
CA GLY A 44 -26.84 -17.88 -15.11
C GLY A 44 -25.71 -17.94 -16.13
N PRO A 45 -24.51 -17.45 -15.81
CA PRO A 45 -23.47 -17.53 -16.83
C PRO A 45 -23.24 -18.91 -17.44
N ALA A 46 -23.24 -19.96 -16.64
CA ALA A 46 -23.03 -21.31 -17.18
C ALA A 46 -24.20 -21.76 -18.06
N GLY A 47 -25.41 -21.72 -17.51
CA GLY A 47 -26.57 -22.15 -18.26
C GLY A 47 -26.75 -21.42 -19.58
N LEU A 48 -26.37 -20.15 -19.60
CA LEU A 48 -26.51 -19.38 -20.82
C LEU A 48 -25.42 -19.81 -21.78
N SER A 49 -24.20 -19.96 -21.27
CA SER A 49 -23.05 -20.39 -22.08
C SER A 49 -23.40 -21.70 -22.77
N ALA A 50 -23.97 -22.64 -22.03
CA ALA A 50 -24.34 -23.92 -22.61
C ALA A 50 -25.40 -23.71 -23.68
N ALA A 51 -26.47 -23.02 -23.31
CA ALA A 51 -27.56 -22.75 -24.26
C ALA A 51 -27.03 -22.07 -25.51
N THR A 52 -26.28 -20.99 -25.33
CA THR A 52 -25.72 -20.25 -26.46
C THR A 52 -24.91 -21.15 -27.38
N ARG A 53 -23.84 -21.75 -26.85
CA ARG A 53 -22.95 -22.64 -27.60
C ARG A 53 -23.70 -23.73 -28.38
N LEU A 54 -24.71 -24.34 -27.77
CA LEU A 54 -25.47 -25.39 -28.44
C LEU A 54 -26.16 -24.91 -29.70
N LYS A 55 -26.66 -23.69 -29.67
CA LYS A 55 -27.36 -23.13 -30.81
C LYS A 55 -26.38 -22.64 -31.86
N GLN A 56 -25.16 -22.36 -31.44
CA GLN A 56 -24.12 -21.92 -32.36
C GLN A 56 -23.69 -23.14 -33.18
N LEU A 57 -23.54 -24.26 -32.48
CA LEU A 57 -23.16 -25.52 -33.10
C LEU A 57 -24.28 -25.96 -34.02
N ALA A 58 -25.51 -25.81 -33.57
CA ALA A 58 -26.64 -26.21 -34.38
C ALA A 58 -26.66 -25.42 -35.69
N ALA A 59 -26.49 -24.10 -35.59
CA ALA A 59 -26.51 -23.25 -36.77
C ALA A 59 -25.37 -23.60 -37.70
N GLN A 60 -24.16 -23.67 -37.15
CA GLN A 60 -23.00 -23.97 -37.97
C GLN A 60 -23.17 -25.22 -38.82
N HIS A 61 -23.54 -26.34 -38.20
CA HIS A 61 -23.72 -27.57 -38.96
C HIS A 61 -25.16 -27.68 -39.42
N GLU A 62 -25.90 -26.59 -39.28
CA GLU A 62 -27.32 -26.52 -39.63
C GLU A 62 -28.10 -27.82 -39.43
N LYS A 63 -28.52 -28.04 -38.19
CA LYS A 63 -29.29 -29.21 -37.81
C LYS A 63 -30.37 -28.65 -36.85
N ASP A 64 -31.38 -29.44 -36.50
CA ASP A 64 -32.47 -28.94 -35.65
C ASP A 64 -32.33 -29.21 -34.18
N LEU A 65 -32.04 -28.18 -33.40
CA LEU A 65 -31.87 -28.37 -31.97
C LEU A 65 -32.82 -27.51 -31.14
N ARG A 66 -33.73 -28.17 -30.42
CA ARG A 66 -34.65 -27.45 -29.55
C ARG A 66 -34.01 -27.42 -28.16
N VAL A 67 -33.73 -26.20 -27.69
CA VAL A 67 -33.09 -25.98 -26.40
C VAL A 67 -33.90 -25.06 -25.50
N CYS A 68 -34.49 -25.63 -24.46
CA CYS A 68 -35.29 -24.86 -23.52
C CYS A 68 -34.51 -24.53 -22.25
N LEU A 69 -34.57 -23.28 -21.83
CA LEU A 69 -33.85 -22.77 -20.65
C LEU A 69 -34.85 -22.25 -19.62
N VAL A 70 -34.88 -22.82 -18.41
CA VAL A 70 -35.81 -22.33 -17.38
C VAL A 70 -35.09 -21.54 -16.30
N GLU A 71 -35.76 -20.55 -15.72
CA GLU A 71 -35.17 -19.70 -14.68
C GLU A 71 -36.17 -19.29 -13.57
N LYS A 72 -35.70 -19.27 -12.33
CA LYS A 72 -36.54 -18.88 -11.21
C LYS A 72 -36.98 -17.42 -11.34
N ALA A 73 -36.03 -16.57 -11.69
CA ALA A 73 -36.26 -15.15 -11.77
C ALA A 73 -37.39 -14.65 -12.64
N ALA A 74 -38.01 -13.56 -12.17
CA ALA A 74 -39.11 -12.90 -12.85
C ALA A 74 -38.58 -12.62 -14.25
N HIS A 75 -37.34 -12.13 -14.32
CA HIS A 75 -36.66 -11.96 -15.60
C HIS A 75 -35.14 -12.10 -15.49
N ILE A 76 -34.55 -12.64 -16.55
CA ILE A 76 -33.12 -12.91 -16.62
C ILE A 76 -32.19 -11.92 -15.96
N GLY A 77 -31.40 -12.39 -15.00
CA GLY A 77 -30.48 -11.50 -14.31
C GLY A 77 -31.01 -10.98 -13.00
N ALA A 78 -32.30 -11.17 -12.77
CA ALA A 78 -32.93 -10.69 -11.54
C ALA A 78 -32.37 -11.34 -10.28
N HIS A 79 -31.88 -12.58 -10.40
CA HIS A 79 -31.35 -13.30 -9.25
C HIS A 79 -29.85 -13.44 -9.19
N THR A 80 -29.17 -12.88 -10.18
CA THR A 80 -27.71 -12.92 -10.25
C THR A 80 -27.06 -12.00 -9.24
N LEU A 81 -26.21 -12.54 -8.39
CA LEU A 81 -25.52 -11.69 -7.42
C LEU A 81 -24.03 -12.05 -7.36
N SER A 82 -23.18 -11.06 -7.61
CA SER A 82 -21.75 -11.26 -7.61
C SER A 82 -21.06 -9.92 -7.41
N GLY A 83 -19.76 -9.91 -7.20
CA GLY A 83 -19.11 -8.62 -7.05
C GLY A 83 -18.78 -8.24 -8.47
N ALA A 84 -18.29 -9.27 -9.16
CA ALA A 84 -17.91 -9.27 -10.54
C ALA A 84 -16.62 -8.65 -11.03
N CYS A 85 -15.57 -9.47 -11.02
CA CYS A 85 -14.26 -9.08 -11.57
C CYS A 85 -14.18 -10.26 -12.55
N LEU A 86 -14.27 -9.96 -13.84
CA LEU A 86 -14.30 -11.00 -14.87
C LEU A 86 -13.02 -11.31 -15.64
N ASP A 87 -12.76 -12.59 -15.83
CA ASP A 87 -11.62 -13.07 -16.62
C ASP A 87 -12.31 -13.43 -17.93
N PRO A 88 -12.07 -12.64 -18.97
CA PRO A 88 -12.62 -12.77 -20.32
C PRO A 88 -12.38 -14.08 -21.06
N ARG A 89 -11.37 -14.83 -20.63
CA ARG A 89 -10.99 -16.10 -21.26
C ARG A 89 -12.13 -16.91 -21.92
N ALA A 90 -13.09 -17.37 -21.14
CA ALA A 90 -14.17 -18.19 -21.67
C ALA A 90 -15.24 -17.39 -22.39
N PHE A 91 -15.43 -16.16 -21.95
CA PHE A 91 -16.42 -15.29 -22.54
C PHE A 91 -16.04 -14.95 -23.98
N GLU A 92 -14.78 -14.55 -24.17
CA GLU A 92 -14.34 -14.20 -25.52
C GLU A 92 -14.36 -15.42 -26.42
N GLU A 93 -14.21 -16.59 -25.85
CA GLU A 93 -14.25 -17.80 -26.65
C GLU A 93 -15.65 -17.89 -27.19
N LEU A 94 -16.64 -17.69 -26.32
CA LEU A 94 -18.02 -17.78 -26.74
C LEU A 94 -18.47 -16.62 -27.64
N PHE A 95 -18.03 -15.40 -27.33
CA PHE A 95 -18.41 -14.22 -28.12
C PHE A 95 -17.20 -13.39 -28.49
N PRO A 96 -16.40 -13.84 -29.45
CA PRO A 96 -15.24 -13.01 -29.78
C PRO A 96 -15.67 -11.66 -30.31
N ASP A 97 -16.85 -11.63 -30.92
CA ASP A 97 -17.43 -10.42 -31.49
C ASP A 97 -18.11 -9.52 -30.45
N TRP A 98 -17.85 -9.77 -29.17
CA TRP A 98 -18.50 -9.02 -28.10
C TRP A 98 -18.44 -7.50 -28.07
N LYS A 99 -17.30 -6.91 -28.43
CA LYS A 99 -17.22 -5.46 -28.37
C LYS A 99 -18.20 -4.78 -29.31
N GLU A 100 -18.46 -5.38 -30.47
CA GLU A 100 -19.40 -4.73 -31.36
C GLU A 100 -20.83 -5.23 -31.19
N LYS A 101 -21.04 -6.23 -30.37
CA LYS A 101 -22.41 -6.67 -30.17
C LYS A 101 -23.01 -6.03 -28.91
N GLY A 102 -22.20 -5.25 -28.19
CA GLY A 102 -22.70 -4.53 -27.04
C GLY A 102 -22.42 -4.97 -25.59
N ALA A 103 -21.87 -6.16 -25.40
CA ALA A 103 -21.60 -6.66 -24.06
C ALA A 103 -21.04 -5.59 -23.12
N PRO A 104 -21.55 -5.53 -21.88
CA PRO A 104 -21.11 -4.56 -20.88
C PRO A 104 -19.79 -4.78 -20.16
N LEU A 105 -18.71 -5.03 -20.89
CA LEU A 105 -17.41 -5.17 -20.26
C LEU A 105 -16.84 -3.80 -20.51
N ASN A 106 -17.12 -2.86 -19.62
CA ASN A 106 -16.68 -1.50 -19.82
C ASN A 106 -15.64 -1.05 -18.83
N THR A 107 -15.36 -1.88 -17.83
CA THR A 107 -14.41 -1.47 -16.82
C THR A 107 -13.18 -2.36 -16.74
N PRO A 108 -12.14 -2.01 -17.48
CA PRO A 108 -10.96 -2.85 -17.39
C PRO A 108 -10.29 -2.51 -16.07
N VAL A 109 -9.74 -3.50 -15.38
CA VAL A 109 -9.09 -3.24 -14.12
C VAL A 109 -7.81 -2.45 -14.31
N THR A 110 -7.66 -1.41 -13.51
CA THR A 110 -6.50 -0.53 -13.60
C THR A 110 -5.57 -0.53 -12.38
N GLU A 111 -6.11 -0.83 -11.21
CA GLU A 111 -5.33 -0.85 -9.98
C GLU A 111 -5.77 -2.01 -9.10
N ASP A 112 -4.79 -2.74 -8.57
CA ASP A 112 -5.07 -3.87 -7.68
C ASP A 112 -4.56 -3.51 -6.32
N ARG A 113 -5.43 -3.55 -5.32
CA ARG A 113 -5.00 -3.24 -3.96
C ARG A 113 -5.44 -4.34 -3.02
N PHE A 114 -4.71 -4.48 -1.92
CA PHE A 114 -5.03 -5.51 -0.94
C PHE A 114 -4.47 -5.04 0.38
N GLY A 115 -5.24 -5.20 1.45
CA GLY A 115 -4.76 -4.78 2.75
C GLY A 115 -5.26 -5.63 3.89
N ILE A 116 -4.52 -5.57 5.00
CA ILE A 116 -4.87 -6.31 6.20
C ILE A 116 -5.37 -5.26 7.19
N LEU A 117 -6.57 -5.45 7.72
CA LEU A 117 -7.12 -4.47 8.64
C LEU A 117 -6.99 -4.84 10.11
N THR A 118 -6.90 -3.81 10.95
CA THR A 118 -6.87 -3.95 12.41
C THR A 118 -7.95 -2.98 12.80
N GLU A 119 -8.38 -3.00 14.05
CA GLU A 119 -9.45 -2.08 14.43
C GLU A 119 -9.17 -0.64 14.01
N LYS A 120 -7.94 -0.19 14.13
CA LYS A 120 -7.63 1.18 13.77
C LYS A 120 -6.85 1.42 12.49
N TYR A 121 -6.09 0.43 12.01
CA TYR A 121 -5.26 0.65 10.82
C TYR A 121 -5.45 -0.29 9.63
N ARG A 122 -4.83 0.10 8.51
CA ARG A 122 -4.85 -0.71 7.30
C ARG A 122 -3.41 -0.97 6.93
N ILE A 123 -3.03 -2.24 6.84
CA ILE A 123 -1.67 -2.60 6.48
C ILE A 123 -1.62 -3.03 5.02
N PRO A 124 -0.98 -2.21 4.16
CA PRO A 124 -0.90 -2.56 2.74
C PRO A 124 -0.03 -3.78 2.51
N VAL A 125 -0.46 -4.63 1.60
CA VAL A 125 0.26 -5.83 1.26
C VAL A 125 0.68 -5.70 -0.20
N PRO A 126 1.95 -5.97 -0.50
CA PRO A 126 2.39 -5.86 -1.89
C PRO A 126 1.82 -6.99 -2.73
N ILE A 127 1.38 -6.67 -3.94
CA ILE A 127 0.83 -7.69 -4.84
C ILE A 127 1.74 -7.87 -6.03
N LEU A 128 2.35 -9.05 -6.13
CA LEU A 128 3.26 -9.37 -7.21
C LEU A 128 2.60 -10.02 -8.44
N PRO A 129 3.27 -9.95 -9.61
CA PRO A 129 2.80 -10.49 -10.90
C PRO A 129 2.52 -12.00 -11.05
N GLY A 130 2.87 -12.77 -10.03
CA GLY A 130 2.64 -14.20 -10.11
C GLY A 130 1.37 -14.56 -9.37
N LEU A 131 1.24 -13.98 -8.18
CA LEU A 131 0.11 -14.19 -7.26
C LEU A 131 -1.32 -14.26 -7.87
N PRO A 132 -2.27 -14.96 -7.20
CA PRO A 132 -3.65 -15.09 -7.68
C PRO A 132 -4.57 -13.87 -7.53
N MET A 133 -4.10 -12.80 -6.91
CA MET A 133 -4.92 -11.60 -6.77
C MET A 133 -4.61 -10.52 -7.79
N ASN A 134 -3.91 -10.93 -8.83
CA ASN A 134 -3.55 -10.08 -9.95
C ASN A 134 -4.78 -10.03 -10.86
N ASN A 135 -4.99 -8.93 -11.57
CA ASN A 135 -6.15 -8.80 -12.45
C ASN A 135 -5.86 -8.12 -13.79
N HIS A 136 -4.63 -8.27 -14.30
CA HIS A 136 -4.29 -7.64 -15.57
C HIS A 136 -5.02 -8.26 -16.75
N GLY A 137 -5.69 -7.40 -17.52
CA GLY A 137 -6.41 -7.90 -18.67
C GLY A 137 -7.80 -8.32 -18.27
N ASN A 138 -8.15 -8.12 -17.00
CA ASN A 138 -9.48 -8.47 -16.52
C ASN A 138 -10.42 -7.27 -16.40
N TYR A 139 -11.71 -7.54 -16.41
CA TYR A 139 -12.69 -6.48 -16.29
C TYR A 139 -13.57 -6.62 -15.04
N VAL A 140 -14.03 -5.49 -14.50
CA VAL A 140 -14.94 -5.54 -13.36
C VAL A 140 -16.28 -5.26 -14.05
N VAL A 141 -17.29 -6.06 -13.76
CA VAL A 141 -18.58 -5.88 -14.42
C VAL A 141 -19.78 -5.96 -13.50
N ARG A 142 -20.96 -5.84 -14.09
CA ARG A 142 -22.20 -5.94 -13.35
C ARG A 142 -22.80 -7.24 -13.86
N LEU A 143 -22.38 -8.33 -13.25
CA LEU A 143 -22.79 -9.65 -13.70
C LEU A 143 -24.23 -9.75 -14.12
N GLY A 144 -25.12 -9.09 -13.38
CA GLY A 144 -26.53 -9.15 -13.70
C GLY A 144 -26.84 -8.58 -15.08
N HIS A 145 -26.13 -7.52 -15.43
CA HIS A 145 -26.35 -6.91 -16.73
C HIS A 145 -25.74 -7.76 -17.80
N LEU A 146 -24.54 -8.29 -17.54
CA LEU A 146 -23.91 -9.13 -18.52
C LEU A 146 -24.78 -10.33 -18.80
N VAL A 147 -25.30 -10.94 -17.75
CA VAL A 147 -26.15 -12.10 -17.94
C VAL A 147 -27.35 -11.69 -18.76
N SER A 148 -27.88 -10.50 -18.51
CA SER A 148 -29.04 -10.02 -19.23
C SER A 148 -28.69 -10.02 -20.71
N TRP A 149 -27.55 -9.40 -21.01
CA TRP A 149 -27.03 -9.30 -22.36
C TRP A 149 -26.92 -10.69 -23.02
N MET A 150 -26.41 -11.66 -22.26
CA MET A 150 -26.24 -12.99 -22.80
C MET A 150 -27.58 -13.62 -23.11
N GLY A 151 -28.55 -13.40 -22.24
CA GLY A 151 -29.86 -13.97 -22.48
C GLY A 151 -30.44 -13.48 -23.79
N GLU A 152 -30.17 -12.21 -24.09
CA GLU A 152 -30.63 -11.59 -25.32
C GLU A 152 -30.06 -12.34 -26.52
N GLN A 153 -28.74 -12.58 -26.51
CA GLN A 153 -28.07 -13.28 -27.59
C GLN A 153 -28.66 -14.68 -27.72
N ALA A 154 -28.84 -15.34 -26.60
CA ALA A 154 -29.41 -16.68 -26.58
C ALA A 154 -30.73 -16.66 -27.34
N GLU A 155 -31.62 -15.78 -26.89
CA GLU A 155 -32.94 -15.65 -27.50
C GLU A 155 -32.78 -15.47 -29.00
N ALA A 156 -31.82 -14.63 -29.39
CA ALA A 156 -31.58 -14.35 -30.79
C ALA A 156 -31.14 -15.59 -31.53
N LEU A 157 -30.35 -16.41 -30.87
CA LEU A 157 -29.87 -17.63 -31.48
C LEU A 157 -30.96 -18.69 -31.58
N GLY A 158 -32.11 -18.44 -30.97
CA GLY A 158 -33.18 -19.42 -31.06
C GLY A 158 -33.39 -20.26 -29.82
N VAL A 159 -32.75 -19.87 -28.73
CA VAL A 159 -32.91 -20.60 -27.47
C VAL A 159 -34.26 -20.19 -26.94
N GLU A 160 -35.03 -21.14 -26.41
CA GLU A 160 -36.33 -20.82 -25.83
C GLU A 160 -36.14 -20.52 -24.35
N VAL A 161 -36.15 -19.25 -23.97
CA VAL A 161 -35.99 -18.89 -22.56
C VAL A 161 -37.34 -18.72 -21.88
N TYR A 162 -37.47 -19.30 -20.68
CA TYR A 162 -38.72 -19.23 -19.90
C TYR A 162 -38.48 -18.62 -18.54
N PRO A 163 -38.37 -17.29 -18.47
CA PRO A 163 -38.15 -16.79 -17.11
C PRO A 163 -39.42 -16.93 -16.29
N GLY A 164 -39.27 -16.99 -14.98
CA GLY A 164 -40.45 -17.12 -14.13
C GLY A 164 -40.85 -18.56 -13.91
N TYR A 165 -40.13 -19.49 -14.55
CA TYR A 165 -40.40 -20.92 -14.39
C TYR A 165 -39.31 -21.61 -13.61
N ALA A 166 -39.63 -22.08 -12.41
CA ALA A 166 -38.64 -22.77 -11.60
C ALA A 166 -38.83 -24.27 -11.69
N ALA A 167 -37.72 -24.98 -11.83
CA ALA A 167 -37.73 -26.42 -11.91
C ALA A 167 -37.89 -26.86 -10.47
N ALA A 168 -38.96 -27.60 -10.17
CA ALA A 168 -39.19 -28.04 -8.79
C ALA A 168 -39.17 -29.54 -8.63
N GLU A 169 -39.15 -30.26 -9.75
CA GLU A 169 -39.16 -31.70 -9.73
C GLU A 169 -38.26 -32.36 -10.79
N ILE A 170 -37.58 -33.43 -10.41
CA ILE A 170 -36.74 -34.13 -11.35
C ILE A 170 -37.57 -35.27 -11.90
N LEU A 171 -37.62 -35.39 -13.23
CA LEU A 171 -38.38 -36.47 -13.88
C LEU A 171 -37.46 -37.62 -14.26
N PHE A 172 -37.82 -38.85 -13.86
CA PHE A 172 -36.99 -40.00 -14.21
C PHE A 172 -37.71 -40.93 -15.20
N HIS A 173 -36.92 -41.67 -15.97
CA HIS A 173 -37.45 -42.66 -16.91
C HIS A 173 -37.61 -43.93 -16.07
N GLU A 174 -38.18 -44.97 -16.65
CA GLU A 174 -38.35 -46.20 -15.88
C GLU A 174 -37.00 -46.89 -15.66
N ASP A 175 -36.08 -46.78 -16.62
CA ASP A 175 -34.79 -47.43 -16.42
C ASP A 175 -34.05 -46.80 -15.23
N GLY A 176 -34.32 -45.53 -14.95
CA GLY A 176 -33.67 -44.89 -13.82
C GLY A 176 -32.91 -43.63 -14.17
N SER A 177 -32.85 -43.31 -15.46
CA SER A 177 -32.15 -42.14 -15.91
C SER A 177 -33.07 -40.94 -15.90
N VAL A 178 -32.47 -39.75 -15.91
CA VAL A 178 -33.23 -38.52 -15.88
C VAL A 178 -33.97 -38.33 -17.19
N LYS A 179 -35.26 -38.03 -17.09
CA LYS A 179 -36.12 -37.82 -18.25
C LYS A 179 -36.29 -36.33 -18.54
N GLY A 180 -36.09 -35.51 -17.51
CA GLY A 180 -36.22 -34.07 -17.63
C GLY A 180 -36.74 -33.48 -16.33
N ILE A 181 -37.31 -32.28 -16.39
CA ILE A 181 -37.82 -31.64 -15.18
C ILE A 181 -39.26 -31.18 -15.33
N ALA A 182 -39.82 -30.67 -14.23
CA ALA A 182 -41.20 -30.14 -14.21
C ALA A 182 -41.11 -28.78 -13.54
N THR A 183 -41.85 -27.80 -14.02
CA THR A 183 -41.81 -26.48 -13.39
C THR A 183 -42.69 -26.50 -12.14
N ASN A 184 -42.53 -25.50 -11.29
CA ASN A 184 -43.30 -25.45 -10.07
C ASN A 184 -44.76 -25.37 -10.40
N ASP A 185 -45.59 -25.89 -9.51
CA ASP A 185 -47.03 -25.80 -9.71
C ASP A 185 -47.37 -24.39 -9.22
N VAL A 186 -48.65 -24.04 -9.16
CA VAL A 186 -49.05 -22.71 -8.72
C VAL A 186 -50.46 -22.76 -8.14
N GLY A 187 -50.72 -21.90 -7.15
CA GLY A 187 -52.05 -21.87 -6.57
C GLY A 187 -52.23 -22.83 -5.41
N ILE A 188 -51.40 -22.68 -4.39
CA ILE A 188 -51.50 -23.52 -3.21
C ILE A 188 -51.46 -22.57 -2.01
N GLN A 189 -52.29 -22.80 -1.01
CA GLN A 189 -52.30 -21.89 0.14
C GLN A 189 -51.30 -22.27 1.24
N LYS A 190 -50.86 -21.28 2.00
CA LYS A 190 -49.91 -21.46 3.09
C LYS A 190 -50.10 -22.82 3.79
N ASP A 191 -51.35 -23.23 3.97
CA ASP A 191 -51.62 -24.50 4.66
C ASP A 191 -51.53 -25.79 3.84
N GLY A 192 -51.39 -25.68 2.53
CA GLY A 192 -51.27 -26.90 1.78
C GLY A 192 -52.48 -27.19 0.91
N ALA A 193 -53.61 -26.58 1.23
CA ALA A 193 -54.83 -26.81 0.47
C ALA A 193 -54.77 -26.20 -0.91
N PRO A 194 -55.41 -26.87 -1.88
CA PRO A 194 -55.39 -26.34 -3.24
C PRO A 194 -56.37 -25.18 -3.36
N LYS A 195 -56.00 -24.14 -4.12
CA LYS A 195 -56.84 -22.95 -4.33
C LYS A 195 -57.64 -23.17 -5.58
N THR A 196 -58.68 -22.38 -5.76
CA THR A 196 -59.51 -22.54 -6.95
C THR A 196 -58.60 -22.24 -8.13
N THR A 197 -57.57 -21.42 -7.90
CA THR A 197 -56.67 -21.09 -8.97
C THR A 197 -55.53 -22.10 -9.12
N PHE A 198 -55.66 -23.29 -8.56
CA PHE A 198 -54.59 -24.29 -8.69
C PHE A 198 -54.34 -24.64 -10.14
N GLU A 199 -53.06 -24.74 -10.50
CA GLU A 199 -52.64 -25.08 -11.85
C GLU A 199 -51.38 -25.90 -11.73
N ARG A 200 -51.30 -26.97 -12.51
CA ARG A 200 -50.13 -27.84 -12.47
C ARG A 200 -49.03 -27.29 -13.36
N GLY A 201 -47.79 -27.44 -12.91
CA GLY A 201 -46.65 -26.97 -13.68
C GLY A 201 -46.44 -27.71 -14.98
N LEU A 202 -45.40 -27.31 -15.70
CA LEU A 202 -45.06 -27.87 -17.01
C LEU A 202 -44.03 -28.99 -16.93
N GLU A 203 -44.10 -29.94 -17.87
CA GLU A 203 -43.14 -31.05 -17.93
C GLU A 203 -42.28 -30.88 -19.18
N LEU A 204 -40.98 -30.74 -18.98
CA LEU A 204 -40.05 -30.59 -20.09
C LEU A 204 -39.18 -31.82 -20.21
N HIS A 205 -39.45 -32.62 -21.23
CA HIS A 205 -38.71 -33.85 -21.47
C HIS A 205 -37.57 -33.66 -22.45
N ALA A 206 -36.40 -34.21 -22.14
CA ALA A 206 -35.24 -34.08 -23.02
C ALA A 206 -34.38 -35.33 -23.04
N LYS A 207 -33.42 -35.36 -23.96
CA LYS A 207 -32.53 -36.50 -24.05
C LYS A 207 -31.48 -36.29 -22.96
N VAL A 208 -31.15 -35.03 -22.72
CA VAL A 208 -30.18 -34.66 -21.70
C VAL A 208 -30.57 -33.34 -21.06
N THR A 209 -30.53 -33.30 -19.73
CA THR A 209 -30.87 -32.12 -18.96
C THR A 209 -29.63 -31.52 -18.31
N ILE A 210 -29.41 -30.24 -18.52
CA ILE A 210 -28.27 -29.57 -17.94
C ILE A 210 -28.71 -28.87 -16.67
N PHE A 211 -27.98 -29.10 -15.59
CA PHE A 211 -28.29 -28.47 -14.32
C PHE A 211 -27.27 -27.37 -14.03
N ALA A 212 -27.74 -26.13 -14.05
CA ALA A 212 -26.91 -24.95 -13.81
C ALA A 212 -27.54 -24.09 -12.70
N GLU A 213 -27.92 -24.71 -11.60
CA GLU A 213 -28.55 -24.01 -10.49
C GLU A 213 -27.64 -23.12 -9.66
N GLY A 214 -26.36 -23.09 -10.00
CA GLY A 214 -25.40 -22.30 -9.25
C GLY A 214 -25.07 -22.91 -7.88
N CYS A 215 -24.35 -22.14 -7.08
CA CYS A 215 -23.94 -22.56 -5.74
C CYS A 215 -25.04 -23.18 -4.89
N HIS A 216 -24.90 -24.45 -4.57
CA HIS A 216 -25.86 -25.20 -3.76
C HIS A 216 -27.28 -25.26 -4.33
N GLY A 217 -27.42 -25.68 -5.58
CA GLY A 217 -28.74 -25.82 -6.18
C GLY A 217 -29.53 -26.89 -5.43
N HIS A 218 -30.84 -26.67 -5.32
CA HIS A 218 -31.66 -27.62 -4.59
C HIS A 218 -31.96 -28.92 -5.33
N LEU A 219 -31.91 -28.89 -6.67
CA LEU A 219 -32.15 -30.11 -7.42
C LEU A 219 -30.90 -30.97 -7.39
N ALA A 220 -29.75 -30.33 -7.62
CA ALA A 220 -28.47 -31.03 -7.61
C ALA A 220 -28.29 -31.73 -6.27
N LYS A 221 -28.75 -31.06 -5.22
CA LYS A 221 -28.65 -31.62 -3.87
C LYS A 221 -29.25 -33.00 -3.84
N GLN A 222 -30.41 -33.18 -4.44
CA GLN A 222 -30.98 -34.50 -4.40
C GLN A 222 -30.36 -35.33 -5.50
N LEU A 223 -29.78 -34.66 -6.49
CA LEU A 223 -29.15 -35.37 -7.59
C LEU A 223 -27.90 -36.07 -7.08
N TYR A 224 -27.20 -35.44 -6.14
CA TYR A 224 -25.98 -36.02 -5.60
C TYR A 224 -26.25 -37.35 -4.93
N LYS A 225 -27.36 -37.45 -4.21
CA LYS A 225 -27.73 -38.68 -3.53
C LYS A 225 -28.12 -39.77 -4.51
N LYS A 226 -29.11 -39.45 -5.34
CA LYS A 226 -29.62 -40.40 -6.32
C LYS A 226 -28.52 -41.16 -7.06
N PHE A 227 -27.51 -40.46 -7.57
CA PHE A 227 -26.44 -41.11 -8.31
C PHE A 227 -25.04 -41.12 -7.67
N ASP A 228 -25.00 -41.20 -6.34
CA ASP A 228 -23.73 -41.29 -5.62
C ASP A 228 -22.61 -40.48 -6.28
N LEU A 229 -22.87 -39.20 -6.53
CA LEU A 229 -21.90 -38.36 -7.18
C LEU A 229 -20.77 -37.84 -6.32
N ARG A 230 -20.96 -37.81 -5.00
CA ARG A 230 -19.93 -37.30 -4.10
C ARG A 230 -19.05 -38.44 -3.57
N ALA A 231 -19.21 -39.62 -4.14
CA ALA A 231 -18.48 -40.81 -3.72
C ALA A 231 -16.96 -40.67 -3.58
N ASN A 232 -16.31 -39.89 -4.44
CA ASN A 232 -14.87 -39.74 -4.33
C ASN A 232 -14.33 -38.35 -4.14
N CYS A 233 -15.04 -37.53 -3.37
CA CYS A 233 -14.58 -36.18 -3.13
C CYS A 233 -14.97 -35.76 -1.72
N GLU A 234 -14.42 -34.65 -1.27
CA GLU A 234 -14.77 -34.13 0.03
C GLU A 234 -15.99 -33.23 -0.13
N PRO A 235 -16.85 -33.17 0.88
CA PRO A 235 -18.05 -32.34 0.78
C PRO A 235 -17.71 -30.86 0.46
N GLN A 236 -18.54 -30.25 -0.38
CA GLN A 236 -18.36 -28.85 -0.78
C GLN A 236 -18.38 -27.95 0.46
N THR A 237 -17.49 -26.97 0.57
CA THR A 237 -17.52 -26.08 1.71
C THR A 237 -17.92 -24.72 1.13
N TYR A 238 -18.63 -23.91 1.91
CA TYR A 238 -19.11 -22.63 1.41
C TYR A 238 -18.77 -21.38 2.20
N GLY A 239 -19.17 -20.26 1.60
CA GLY A 239 -19.00 -18.94 2.21
C GLY A 239 -20.28 -18.17 1.91
N ILE A 240 -20.55 -17.09 2.65
CA ILE A 240 -21.73 -16.32 2.34
C ILE A 240 -21.28 -14.92 1.92
N GLY A 241 -21.73 -14.49 0.74
CA GLY A 241 -21.35 -13.18 0.25
C GLY A 241 -22.47 -12.18 0.33
N LEU A 242 -22.22 -11.07 1.05
CA LEU A 242 -23.20 -9.98 1.20
C LEU A 242 -22.72 -8.83 0.34
N LYS A 243 -23.66 -8.17 -0.33
CA LYS A 243 -23.28 -7.08 -1.20
C LYS A 243 -24.26 -5.93 -1.31
N GLU A 244 -23.72 -4.73 -1.50
CA GLU A 244 -24.56 -3.58 -1.74
C GLU A 244 -23.91 -2.67 -2.80
N LEU A 245 -24.74 -1.92 -3.50
CA LEU A 245 -24.29 -0.97 -4.54
C LEU A 245 -24.33 0.45 -3.99
N TRP A 246 -23.29 1.22 -4.25
CA TRP A 246 -23.26 2.58 -3.76
C TRP A 246 -22.97 3.66 -4.79
N VAL A 247 -23.53 4.85 -4.57
CA VAL A 247 -23.28 5.98 -5.44
C VAL A 247 -22.44 6.90 -4.59
N ILE A 248 -21.19 7.12 -4.97
CA ILE A 248 -20.30 7.98 -4.19
C ILE A 248 -19.87 9.31 -4.79
N ASP A 249 -19.15 10.07 -3.96
CA ASP A 249 -18.63 11.36 -4.35
C ASP A 249 -17.63 11.15 -5.49
N GLU A 250 -17.87 11.83 -6.61
CA GLU A 250 -17.00 11.72 -7.77
C GLU A 250 -15.57 12.00 -7.36
N LYS A 251 -15.38 12.63 -6.21
CA LYS A 251 -14.04 12.96 -5.74
C LYS A 251 -13.30 11.72 -5.24
N LYS A 252 -14.03 10.76 -4.69
CA LYS A 252 -13.40 9.55 -4.16
C LYS A 252 -13.58 8.35 -5.09
N TRP A 253 -14.03 8.59 -6.31
CA TRP A 253 -14.25 7.53 -7.28
C TRP A 253 -12.94 7.33 -8.02
N LYS A 254 -12.51 6.09 -8.17
CA LYS A 254 -11.23 5.84 -8.86
C LYS A 254 -11.53 4.62 -9.76
N PRO A 255 -12.31 4.84 -10.83
CA PRO A 255 -12.72 3.82 -11.79
C PRO A 255 -11.66 2.80 -12.18
N GLY A 256 -12.06 1.53 -12.15
CA GLY A 256 -11.14 0.48 -12.52
C GLY A 256 -10.25 0.01 -11.37
N ARG A 257 -10.52 0.49 -10.17
CA ARG A 257 -9.74 0.08 -9.02
C ARG A 257 -10.43 -1.09 -8.35
N VAL A 258 -9.62 -2.05 -7.90
CA VAL A 258 -10.16 -3.23 -7.27
C VAL A 258 -9.49 -3.35 -5.91
N ASP A 259 -10.29 -3.37 -4.85
CA ASP A 259 -9.78 -3.48 -3.47
C ASP A 259 -10.22 -4.76 -2.79
N HIS A 260 -9.41 -5.23 -1.84
CA HIS A 260 -9.72 -6.42 -1.06
C HIS A 260 -9.08 -6.21 0.31
N THR A 261 -9.56 -6.92 1.32
CA THR A 261 -9.02 -6.82 2.67
C THR A 261 -9.33 -8.08 3.45
N VAL A 262 -8.58 -8.27 4.52
CA VAL A 262 -8.76 -9.42 5.38
C VAL A 262 -8.46 -8.93 6.78
N GLY A 263 -8.99 -9.64 7.77
CA GLY A 263 -8.73 -9.20 9.11
C GLY A 263 -9.97 -8.59 9.69
N TRP A 264 -9.77 -7.58 10.52
CA TRP A 264 -10.88 -6.92 11.18
C TRP A 264 -12.02 -6.80 10.20
N PRO A 265 -13.26 -7.00 10.66
CA PRO A 265 -13.66 -7.26 12.03
C PRO A 265 -13.64 -8.75 12.41
N LEU A 266 -13.11 -9.60 11.53
CA LEU A 266 -13.06 -11.03 11.82
C LEU A 266 -11.87 -11.40 12.70
N ASP A 267 -11.94 -12.55 13.36
CA ASP A 267 -10.86 -13.02 14.22
C ASP A 267 -10.02 -13.96 13.35
N ARG A 268 -8.74 -14.11 13.67
CA ARG A 268 -7.88 -14.95 12.82
C ARG A 268 -8.46 -16.27 12.37
N HIS A 269 -9.33 -16.87 13.17
CA HIS A 269 -9.90 -18.16 12.81
C HIS A 269 -11.20 -18.19 12.02
N THR A 270 -11.64 -17.02 11.54
CA THR A 270 -12.85 -16.94 10.72
C THR A 270 -12.49 -16.46 9.31
N TYR A 271 -12.62 -17.36 8.35
CA TYR A 271 -12.26 -17.02 6.99
C TYR A 271 -13.20 -16.00 6.37
N GLY A 272 -12.61 -14.95 5.80
CA GLY A 272 -13.45 -13.95 5.18
C GLY A 272 -12.73 -12.67 4.82
N GLY A 273 -13.47 -11.77 4.20
CA GLY A 273 -12.89 -10.52 3.79
C GLY A 273 -13.87 -9.76 2.93
N SER A 274 -13.45 -8.57 2.51
CA SER A 274 -14.27 -7.69 1.70
C SER A 274 -13.73 -7.59 0.30
N PHE A 275 -14.50 -6.89 -0.52
CA PHE A 275 -14.14 -6.61 -1.89
C PHE A 275 -14.87 -5.29 -2.16
N LEU A 276 -14.19 -4.40 -2.89
CA LEU A 276 -14.72 -3.10 -3.21
C LEU A 276 -14.27 -2.76 -4.61
N TYR A 277 -15.21 -2.71 -5.55
CA TYR A 277 -14.87 -2.43 -6.94
C TYR A 277 -15.45 -1.11 -7.51
N HIS A 278 -14.61 -0.29 -8.12
CA HIS A 278 -15.06 0.99 -8.69
C HIS A 278 -15.44 0.82 -10.15
N LEU A 279 -16.74 0.79 -10.41
CA LEU A 279 -17.24 0.64 -11.76
C LEU A 279 -16.88 1.88 -12.58
N ASN A 280 -16.86 1.74 -13.90
CA ASN A 280 -16.54 2.85 -14.79
C ASN A 280 -17.54 2.87 -15.94
N GLU A 281 -18.83 2.79 -15.60
CA GLU A 281 -19.89 2.76 -16.59
C GLU A 281 -20.65 4.09 -16.68
N GLY A 282 -20.08 5.17 -16.14
CA GLY A 282 -20.78 6.43 -16.22
C GLY A 282 -20.98 7.18 -14.91
N GLU A 283 -21.69 6.56 -13.95
CA GLU A 283 -21.92 7.18 -12.66
C GLU A 283 -20.72 6.82 -11.77
N PRO A 284 -20.53 7.53 -10.64
CA PRO A 284 -19.42 7.23 -9.73
C PRO A 284 -19.98 6.12 -8.83
N LEU A 285 -20.13 4.94 -9.41
CA LEU A 285 -20.72 3.77 -8.76
C LEU A 285 -19.77 2.74 -8.14
N LEU A 286 -20.11 2.28 -6.94
CA LEU A 286 -19.30 1.29 -6.26
C LEU A 286 -20.01 -0.01 -6.01
N ALA A 287 -19.28 -1.11 -6.18
CA ALA A 287 -19.81 -2.44 -5.94
C ALA A 287 -18.94 -2.96 -4.80
N LEU A 288 -19.52 -3.15 -3.63
CA LEU A 288 -18.73 -3.63 -2.51
C LEU A 288 -19.42 -4.75 -1.74
N GLY A 289 -18.64 -5.53 -1.00
CA GLY A 289 -19.23 -6.61 -0.24
C GLY A 289 -18.33 -7.23 0.80
N PHE A 290 -18.83 -8.33 1.37
CA PHE A 290 -18.12 -9.02 2.40
C PHE A 290 -18.41 -10.50 2.24
N VAL A 291 -17.45 -11.33 2.59
CA VAL A 291 -17.63 -12.76 2.54
C VAL A 291 -17.22 -13.38 3.88
N VAL A 292 -17.97 -14.39 4.31
CA VAL A 292 -17.70 -15.08 5.55
C VAL A 292 -17.77 -16.57 5.25
N GLY A 293 -16.76 -17.31 5.69
CA GLY A 293 -16.73 -18.74 5.46
C GLY A 293 -17.72 -19.40 6.36
N LEU A 294 -18.68 -20.11 5.78
CA LEU A 294 -19.71 -20.76 6.57
C LEU A 294 -19.20 -21.89 7.45
N ASP A 295 -17.90 -21.91 7.65
CA ASP A 295 -17.30 -22.92 8.48
C ASP A 295 -16.95 -22.25 9.79
N TYR A 296 -17.51 -21.07 10.04
CA TYR A 296 -17.23 -20.34 11.28
C TYR A 296 -17.77 -21.12 12.47
N GLN A 297 -17.13 -20.92 13.63
CA GLN A 297 -17.48 -21.65 14.85
C GLN A 297 -18.44 -21.01 15.87
N ASN A 298 -18.37 -19.70 16.02
CA ASN A 298 -19.22 -19.00 16.99
C ASN A 298 -20.67 -18.85 16.55
N PRO A 299 -21.62 -19.32 17.38
CA PRO A 299 -23.05 -19.23 17.06
C PRO A 299 -23.56 -17.77 17.12
N TYR A 300 -22.84 -16.93 17.84
CA TYR A 300 -23.26 -15.55 17.98
C TYR A 300 -22.81 -14.68 16.83
N LEU A 301 -22.05 -15.24 15.90
CA LEU A 301 -21.58 -14.41 14.79
C LEU A 301 -22.64 -14.20 13.72
N SER A 302 -22.71 -12.97 13.21
CA SER A 302 -23.66 -12.61 12.15
C SER A 302 -22.92 -12.07 10.94
N PRO A 303 -23.01 -12.79 9.82
CA PRO A 303 -22.32 -12.31 8.62
C PRO A 303 -22.77 -10.88 8.33
N PHE A 304 -24.07 -10.64 8.29
CA PHE A 304 -24.59 -9.29 8.01
C PHE A 304 -24.07 -8.20 8.96
N ARG A 305 -24.18 -8.41 10.27
CA ARG A 305 -23.71 -7.40 11.21
C ARG A 305 -22.22 -7.20 11.04
N GLU A 306 -21.51 -8.24 10.65
CA GLU A 306 -20.07 -8.11 10.45
C GLU A 306 -19.83 -7.16 9.26
N PHE A 307 -20.55 -7.43 8.18
CA PHE A 307 -20.47 -6.62 6.96
C PHE A 307 -20.75 -5.16 7.27
N GLN A 308 -21.92 -4.88 7.81
CA GLN A 308 -22.32 -3.52 8.15
C GLN A 308 -21.30 -2.85 9.03
N ARG A 309 -20.71 -3.65 9.91
CA ARG A 309 -19.73 -3.18 10.86
C ARG A 309 -18.40 -2.83 10.17
N TRP A 310 -18.08 -3.59 9.13
CA TRP A 310 -16.84 -3.41 8.38
C TRP A 310 -16.71 -2.06 7.72
N LYS A 311 -17.79 -1.59 7.07
CA LYS A 311 -17.80 -0.30 6.37
C LYS A 311 -17.41 0.89 7.23
N HIS A 312 -17.38 0.69 8.54
CA HIS A 312 -17.03 1.74 9.48
C HIS A 312 -15.54 1.84 9.73
N HIS A 313 -14.76 0.98 9.12
CA HIS A 313 -13.32 1.06 9.33
C HIS A 313 -12.86 2.41 8.81
N PRO A 314 -11.96 3.08 9.55
CA PRO A 314 -11.45 4.38 9.13
C PRO A 314 -10.79 4.45 7.75
N SER A 315 -10.53 3.30 7.15
CA SER A 315 -9.91 3.28 5.84
C SER A 315 -10.97 3.15 4.78
N ILE A 316 -12.18 2.75 5.18
CA ILE A 316 -13.27 2.55 4.24
C ILE A 316 -14.39 3.56 4.37
N LYS A 317 -14.64 4.02 5.60
CA LYS A 317 -15.74 4.94 5.85
C LYS A 317 -15.66 6.23 5.06
N PRO A 318 -14.47 6.85 5.00
CA PRO A 318 -14.35 8.11 4.25
C PRO A 318 -14.81 8.02 2.79
N THR A 319 -14.61 6.87 2.19
CA THR A 319 -14.98 6.66 0.81
C THR A 319 -16.50 6.65 0.59
N LEU A 320 -17.25 6.15 1.55
CA LEU A 320 -18.72 6.10 1.42
C LEU A 320 -19.37 7.26 2.15
N GLU A 321 -18.54 8.05 2.82
CA GLU A 321 -18.99 9.22 3.57
C GLU A 321 -19.73 10.17 2.62
N GLY A 322 -21.03 10.35 2.88
CA GLY A 322 -21.83 11.25 2.06
C GLY A 322 -22.27 10.60 0.76
N GLY A 323 -22.25 9.27 0.74
CA GLY A 323 -22.66 8.56 -0.47
C GLY A 323 -24.09 8.08 -0.27
N LYS A 324 -24.58 7.31 -1.21
CA LYS A 324 -25.94 6.82 -1.13
C LYS A 324 -25.93 5.36 -1.49
N ARG A 325 -26.51 4.52 -0.65
CA ARG A 325 -26.54 3.09 -0.95
C ARG A 325 -27.81 2.81 -1.73
N ILE A 326 -27.71 2.14 -2.87
CA ILE A 326 -28.90 1.91 -3.69
C ILE A 326 -29.38 0.47 -3.86
N ALA A 327 -28.62 -0.50 -3.37
CA ALA A 327 -29.04 -1.90 -3.49
C ALA A 327 -28.44 -2.77 -2.40
N TYR A 328 -28.99 -3.96 -2.22
CA TYR A 328 -28.51 -4.93 -1.23
C TYR A 328 -28.88 -6.33 -1.68
N GLY A 329 -28.04 -7.30 -1.35
CA GLY A 329 -28.31 -8.67 -1.74
C GLY A 329 -27.29 -9.64 -1.15
N ALA A 330 -27.57 -10.93 -1.23
CA ALA A 330 -26.64 -11.92 -0.69
C ALA A 330 -26.76 -13.23 -1.45
N ARG A 331 -25.64 -13.94 -1.52
CA ARG A 331 -25.58 -15.24 -2.18
C ARG A 331 -24.48 -16.07 -1.54
N ALA A 332 -24.67 -17.37 -1.53
CA ALA A 332 -23.65 -18.25 -0.98
C ALA A 332 -22.73 -18.61 -2.15
N LEU A 333 -21.46 -18.83 -1.83
CA LEU A 333 -20.49 -19.19 -2.85
C LEU A 333 -19.68 -20.41 -2.42
N ASN A 334 -19.06 -21.07 -3.38
CA ASN A 334 -18.25 -22.26 -3.10
C ASN A 334 -16.85 -21.89 -2.64
N GLU A 335 -16.25 -22.74 -1.82
CA GLU A 335 -14.89 -22.51 -1.34
C GLU A 335 -14.12 -23.82 -1.33
N GLY A 336 -14.84 -24.91 -1.56
CA GLY A 336 -14.22 -26.21 -1.57
C GLY A 336 -13.15 -26.34 -2.62
N GLY A 337 -13.33 -25.67 -3.75
CA GLY A 337 -12.33 -25.78 -4.77
C GLY A 337 -12.21 -27.19 -5.32
N PHE A 338 -10.99 -27.48 -5.80
CA PHE A 338 -10.61 -28.74 -6.41
C PHE A 338 -11.04 -30.01 -5.69
N GLN A 339 -10.75 -30.05 -4.39
CA GLN A 339 -11.04 -31.20 -3.54
C GLN A 339 -12.50 -31.57 -3.45
N SER A 340 -13.39 -30.68 -3.88
CA SER A 340 -14.81 -30.96 -3.74
C SER A 340 -15.62 -31.17 -5.01
N ILE A 341 -14.96 -31.21 -6.16
CA ILE A 341 -15.66 -31.42 -7.42
C ILE A 341 -16.22 -32.84 -7.52
N PRO A 342 -17.53 -32.98 -7.61
CA PRO A 342 -18.13 -34.32 -7.70
C PRO A 342 -18.17 -34.87 -9.12
N LYS A 343 -18.73 -36.07 -9.27
CA LYS A 343 -18.85 -36.70 -10.58
C LYS A 343 -19.90 -35.86 -11.28
N LEU A 344 -19.54 -35.27 -12.41
CA LEU A 344 -20.42 -34.38 -13.16
C LEU A 344 -21.46 -34.98 -14.10
N THR A 345 -21.41 -36.28 -14.36
CA THR A 345 -22.40 -36.83 -15.28
C THR A 345 -23.11 -38.06 -14.74
N PHE A 346 -24.31 -38.28 -15.27
CA PHE A 346 -25.14 -39.41 -14.91
C PHE A 346 -26.13 -39.55 -16.05
N PRO A 347 -26.71 -40.74 -16.23
CA PRO A 347 -27.68 -41.02 -17.30
C PRO A 347 -28.80 -39.98 -17.50
N GLY A 348 -28.64 -39.16 -18.53
CA GLY A 348 -29.65 -38.15 -18.85
C GLY A 348 -29.42 -36.71 -18.40
N GLY A 349 -28.28 -36.42 -17.78
CA GLY A 349 -28.05 -35.05 -17.33
C GLY A 349 -26.61 -34.73 -17.01
N LEU A 350 -26.29 -33.44 -16.89
CA LEU A 350 -24.94 -32.98 -16.60
C LEU A 350 -24.99 -31.88 -15.54
N LEU A 351 -23.85 -31.63 -14.93
CA LEU A 351 -23.76 -30.59 -13.92
C LEU A 351 -22.72 -29.63 -14.43
N ILE A 352 -23.02 -28.34 -14.39
CA ILE A 352 -22.08 -27.35 -14.86
C ILE A 352 -22.12 -26.12 -13.98
N GLY A 353 -21.09 -25.29 -14.06
CA GLY A 353 -21.09 -24.09 -13.27
C GLY A 353 -20.80 -24.26 -11.79
N CYS A 354 -21.35 -23.37 -10.97
CA CYS A 354 -21.10 -23.45 -9.54
C CYS A 354 -21.99 -24.41 -8.77
N SER A 355 -22.86 -25.11 -9.49
CA SER A 355 -23.71 -26.08 -8.82
C SER A 355 -22.72 -27.13 -8.34
N PRO A 356 -21.80 -27.56 -9.23
CA PRO A 356 -20.80 -28.57 -8.88
C PRO A 356 -19.69 -27.84 -8.14
N GLY A 357 -19.22 -26.75 -8.77
CA GLY A 357 -18.20 -25.93 -8.14
C GLY A 357 -16.85 -25.77 -8.79
N PHE A 358 -16.68 -24.82 -9.71
CA PHE A 358 -15.38 -24.59 -10.35
C PHE A 358 -14.84 -23.26 -9.93
N MET A 359 -14.95 -22.97 -8.65
CA MET A 359 -14.56 -21.69 -8.11
C MET A 359 -13.08 -21.54 -7.78
N ASN A 360 -12.46 -20.48 -8.27
CA ASN A 360 -11.07 -20.23 -7.93
C ASN A 360 -11.21 -19.33 -6.71
N VAL A 361 -11.17 -19.94 -5.53
CA VAL A 361 -11.35 -19.21 -4.27
C VAL A 361 -10.45 -18.03 -3.94
N PRO A 362 -9.13 -18.22 -3.99
CA PRO A 362 -8.30 -17.06 -3.66
C PRO A 362 -8.56 -15.85 -4.56
N LYS A 363 -8.77 -16.10 -5.85
CA LYS A 363 -9.06 -15.05 -6.85
C LYS A 363 -10.50 -14.56 -6.66
N ILE A 364 -11.35 -15.44 -6.12
CA ILE A 364 -12.79 -15.21 -5.93
C ILE A 364 -13.44 -15.20 -7.30
N LYS A 365 -12.93 -15.99 -8.23
CA LYS A 365 -13.49 -15.99 -9.56
C LYS A 365 -14.05 -17.34 -9.92
N GLY A 366 -15.33 -17.36 -10.29
CA GLY A 366 -15.95 -18.62 -10.64
C GLY A 366 -16.83 -18.46 -11.85
N THR A 367 -16.82 -17.26 -12.43
CA THR A 367 -17.65 -16.98 -13.60
C THR A 367 -17.02 -17.52 -14.88
N HIS A 368 -15.73 -17.24 -15.07
CA HIS A 368 -15.03 -17.69 -16.27
C HIS A 368 -14.98 -19.21 -16.37
N THR A 369 -14.79 -19.90 -15.25
CA THR A 369 -14.76 -21.35 -15.33
C THR A 369 -16.20 -21.84 -15.53
N ALA A 370 -17.13 -21.21 -14.83
CA ALA A 370 -18.51 -21.57 -14.97
C ALA A 370 -18.86 -21.57 -16.46
N MET A 371 -18.51 -20.49 -17.17
CA MET A 371 -18.80 -20.38 -18.60
C MET A 371 -18.10 -21.47 -19.40
N LYS A 372 -16.83 -21.70 -19.13
CA LYS A 372 -16.11 -22.71 -19.88
C LYS A 372 -16.80 -24.06 -19.76
N SER A 373 -17.24 -24.40 -18.55
CA SER A 373 -17.91 -25.68 -18.35
C SER A 373 -19.18 -25.76 -19.16
N GLY A 374 -19.79 -24.61 -19.43
CA GLY A 374 -21.02 -24.59 -20.20
C GLY A 374 -20.67 -24.83 -21.65
N THR A 375 -19.56 -24.24 -22.09
CA THR A 375 -19.08 -24.40 -23.46
C THR A 375 -18.80 -25.89 -23.71
N LEU A 376 -17.93 -26.47 -22.89
CA LEU A 376 -17.58 -27.87 -23.03
C LEU A 376 -18.79 -28.77 -23.00
N ALA A 377 -19.69 -28.52 -22.06
CA ALA A 377 -20.90 -29.33 -21.93
C ALA A 377 -21.66 -29.34 -23.24
N ALA A 378 -21.84 -28.16 -23.80
CA ALA A 378 -22.56 -27.98 -25.06
C ALA A 378 -21.87 -28.70 -26.19
N GLU A 379 -20.55 -28.53 -26.29
CA GLU A 379 -19.82 -29.20 -27.35
C GLU A 379 -20.00 -30.72 -27.26
N SER A 380 -19.76 -31.29 -26.08
CA SER A 380 -19.88 -32.73 -25.88
C SER A 380 -21.27 -33.29 -26.10
N ILE A 381 -22.31 -32.51 -25.81
CA ILE A 381 -23.68 -32.99 -26.01
C ILE A 381 -24.03 -32.96 -27.47
N PHE A 382 -23.54 -31.95 -28.17
CA PHE A 382 -23.82 -31.85 -29.60
C PHE A 382 -23.16 -33.05 -30.24
N ASN A 383 -21.95 -33.32 -29.77
CA ASN A 383 -21.15 -34.44 -30.27
C ASN A 383 -21.88 -35.77 -30.16
N GLN A 384 -22.86 -35.89 -29.27
CA GLN A 384 -23.51 -37.18 -29.11
C GLN A 384 -24.93 -37.27 -29.69
N LEU A 385 -25.49 -36.13 -30.09
CA LEU A 385 -26.80 -36.11 -30.73
C LEU A 385 -26.54 -36.12 -32.22
N THR A 386 -25.30 -35.78 -32.57
CA THR A 386 -24.81 -35.69 -33.93
C THR A 386 -23.86 -36.87 -34.12
N SER A 387 -24.39 -38.09 -34.23
CA SER A 387 -23.48 -39.22 -34.42
C SER A 387 -24.12 -40.57 -34.77
N GLU A 388 -24.91 -41.02 -33.80
CA GLU A 388 -25.65 -42.30 -33.72
C GLU A 388 -25.06 -43.08 -32.53
N ASN A 389 -24.20 -44.05 -32.83
CA ASN A 389 -23.57 -44.84 -31.77
C ASN A 389 -24.32 -44.70 -30.46
N LEU A 390 -25.35 -45.52 -30.37
CA LEU A 390 -26.24 -45.58 -29.24
C LEU A 390 -25.74 -46.16 -27.94
N GLN A 391 -25.92 -45.39 -26.84
CA GLN A 391 -25.59 -45.85 -25.50
C GLN A 391 -27.01 -46.04 -25.00
N SER A 392 -27.40 -47.30 -24.85
CA SER A 392 -28.74 -47.65 -24.49
C SER A 392 -28.93 -48.17 -23.10
N LYS A 393 -30.19 -48.55 -22.85
CA LYS A 393 -30.62 -49.04 -21.55
C LYS A 393 -30.24 -47.96 -20.56
N THR A 394 -30.68 -46.78 -20.98
CA THR A 394 -30.61 -45.48 -20.37
C THR A 394 -31.08 -44.73 -21.61
N ILE A 395 -32.37 -44.41 -21.57
CA ILE A 395 -33.11 -43.70 -22.62
C ILE A 395 -32.61 -42.27 -22.58
N GLY A 396 -31.93 -41.97 -21.48
CA GLY A 396 -31.34 -40.67 -21.28
C GLY A 396 -29.84 -40.83 -21.46
N LEU A 397 -29.28 -40.01 -22.34
CA LEU A 397 -27.85 -40.05 -22.65
C LEU A 397 -26.96 -39.83 -21.43
N HIS A 398 -25.77 -40.41 -21.51
CA HIS A 398 -24.78 -40.28 -20.47
C HIS A 398 -23.59 -39.71 -21.21
N VAL A 399 -23.48 -38.38 -21.19
CA VAL A 399 -22.42 -37.70 -21.90
C VAL A 399 -21.10 -37.68 -21.16
N THR A 400 -20.62 -38.88 -20.82
CA THR A 400 -19.37 -39.04 -20.08
C THR A 400 -18.19 -38.25 -20.64
N GLU A 401 -18.24 -37.94 -21.93
CA GLU A 401 -17.17 -37.20 -22.57
C GLU A 401 -17.07 -35.77 -22.07
N TYR A 402 -18.15 -35.28 -21.47
CA TYR A 402 -18.15 -33.92 -20.94
C TYR A 402 -17.07 -33.83 -19.85
N GLU A 403 -17.09 -34.80 -18.94
CA GLU A 403 -16.17 -34.84 -17.83
C GLU A 403 -14.73 -35.10 -18.27
N ASP A 404 -14.56 -35.93 -19.30
CA ASP A 404 -13.23 -36.23 -19.80
C ASP A 404 -12.63 -34.90 -20.24
N ASN A 405 -13.35 -34.22 -21.12
CA ASN A 405 -12.90 -32.94 -21.66
C ASN A 405 -12.71 -31.85 -20.61
N LEU A 406 -13.55 -31.82 -19.58
CA LEU A 406 -13.40 -30.79 -18.56
C LEU A 406 -12.08 -30.99 -17.81
N LYS A 407 -11.71 -32.25 -17.55
CA LYS A 407 -10.48 -32.57 -16.83
C LYS A 407 -9.21 -32.20 -17.62
N ASN A 408 -9.35 -32.05 -18.93
CA ASN A 408 -8.20 -31.71 -19.74
C ASN A 408 -8.17 -30.25 -20.16
N SER A 409 -9.14 -29.48 -19.67
CA SER A 409 -9.25 -28.06 -20.00
C SER A 409 -8.40 -27.27 -19.02
N TRP A 410 -8.30 -25.95 -19.24
CA TRP A 410 -7.51 -25.12 -18.35
C TRP A 410 -8.20 -25.01 -17.01
N VAL A 411 -9.51 -25.27 -17.02
CA VAL A 411 -10.31 -25.19 -15.81
C VAL A 411 -9.75 -26.10 -14.74
N TRP A 412 -9.48 -27.34 -15.12
CA TRP A 412 -8.94 -28.34 -14.20
C TRP A 412 -7.62 -27.90 -13.60
N LYS A 413 -6.66 -27.65 -14.47
CA LYS A 413 -5.37 -27.25 -13.98
C LYS A 413 -5.41 -25.94 -13.22
N GLU A 414 -6.39 -25.09 -13.50
CA GLU A 414 -6.47 -23.81 -12.77
C GLU A 414 -6.86 -24.04 -11.33
N LEU A 415 -7.88 -24.86 -11.14
CA LEU A 415 -8.33 -25.15 -9.81
C LEU A 415 -7.28 -26.01 -9.06
N TYR A 416 -6.61 -26.90 -9.78
CA TYR A 416 -5.61 -27.72 -9.13
C TYR A 416 -4.53 -26.85 -8.53
N SER A 417 -4.06 -25.90 -9.31
CA SER A 417 -2.98 -25.03 -8.86
C SER A 417 -3.25 -24.25 -7.60
N VAL A 418 -4.51 -23.91 -7.31
CA VAL A 418 -4.82 -23.15 -6.08
C VAL A 418 -5.59 -23.95 -5.03
N ARG A 419 -5.49 -25.27 -5.12
CA ARG A 419 -6.19 -26.18 -4.23
C ARG A 419 -5.77 -26.17 -2.75
N ASN A 420 -4.50 -25.87 -2.46
CA ASN A 420 -4.05 -25.87 -1.06
C ASN A 420 -4.10 -24.52 -0.36
N ILE A 421 -4.69 -23.52 -1.00
CA ILE A 421 -4.75 -22.22 -0.36
C ILE A 421 -5.79 -22.14 0.76
N ARG A 422 -7.06 -22.36 0.45
CA ARG A 422 -8.09 -22.29 1.49
C ARG A 422 -7.79 -23.21 2.68
N PRO A 423 -7.41 -24.46 2.41
CA PRO A 423 -7.10 -25.44 3.45
C PRO A 423 -5.95 -25.02 4.34
N SER A 424 -5.01 -24.28 3.80
CA SER A 424 -3.89 -23.89 4.65
C SER A 424 -4.31 -22.88 5.72
N CYS A 425 -5.57 -22.45 5.67
CA CYS A 425 -6.06 -21.50 6.64
C CYS A 425 -6.48 -22.14 7.95
N HIS A 426 -6.48 -23.46 8.02
CA HIS A 426 -6.90 -24.12 9.25
C HIS A 426 -5.79 -24.31 10.28
N GLY A 427 -4.68 -23.60 10.13
CA GLY A 427 -3.59 -23.71 11.08
C GLY A 427 -3.82 -22.89 12.34
N ILE A 428 -2.77 -22.75 13.16
CA ILE A 428 -2.86 -22.00 14.40
C ILE A 428 -2.83 -20.50 14.12
N LEU A 429 -2.47 -20.13 12.89
CA LEU A 429 -2.42 -18.73 12.51
C LEU A 429 -3.62 -18.36 11.66
N GLY A 430 -4.58 -19.28 11.58
CA GLY A 430 -5.78 -19.02 10.81
C GLY A 430 -5.48 -18.53 9.41
N VAL A 431 -6.17 -17.48 8.96
CA VAL A 431 -5.94 -16.96 7.62
C VAL A 431 -4.57 -16.33 7.42
N TYR A 432 -3.97 -15.84 8.50
CA TYR A 432 -2.66 -15.24 8.38
C TYR A 432 -1.67 -16.31 7.96
N GLY A 433 -1.90 -17.52 8.41
CA GLY A 433 -1.01 -18.59 8.03
C GLY A 433 -1.23 -18.91 6.57
N GLY A 434 -2.47 -18.73 6.12
CA GLY A 434 -2.82 -19.02 4.74
C GLY A 434 -2.14 -18.04 3.82
N MET A 435 -1.87 -16.84 4.33
CA MET A 435 -1.21 -15.85 3.52
C MET A 435 0.24 -16.22 3.38
N ILE A 436 0.80 -16.76 4.44
CA ILE A 436 2.19 -17.19 4.40
C ILE A 436 2.28 -18.30 3.37
N TYR A 437 1.31 -19.21 3.34
CA TYR A 437 1.34 -20.30 2.38
C TYR A 437 1.35 -19.79 0.97
N THR A 438 0.57 -18.75 0.72
CA THR A 438 0.47 -18.21 -0.61
C THR A 438 1.82 -17.69 -1.08
N GLY A 439 2.56 -16.99 -0.21
CA GLY A 439 3.88 -16.50 -0.60
C GLY A 439 4.95 -17.60 -0.80
N ILE A 440 4.85 -18.70 -0.07
CA ILE A 440 5.79 -19.81 -0.18
C ILE A 440 5.46 -20.65 -1.37
N PHE A 441 4.56 -21.57 -1.09
CA PHE A 441 4.10 -22.59 -2.00
C PHE A 441 3.39 -22.25 -3.26
N TYR A 442 3.04 -20.97 -3.43
CA TYR A 442 2.36 -20.60 -4.65
C TYR A 442 3.19 -19.57 -5.39
N TRP A 443 3.52 -18.47 -4.73
CA TRP A 443 4.30 -17.45 -5.42
C TRP A 443 5.58 -18.08 -5.92
N ILE A 444 6.21 -18.90 -5.08
CA ILE A 444 7.48 -19.56 -5.44
C ILE A 444 7.32 -20.89 -6.17
N PHE A 445 6.45 -21.76 -5.69
CA PHE A 445 6.29 -23.04 -6.36
C PHE A 445 5.05 -23.18 -7.23
N ARG A 446 4.32 -22.09 -7.43
CA ARG A 446 3.10 -22.12 -8.25
C ARG A 446 2.23 -23.37 -8.00
N GLY A 447 2.09 -23.75 -6.74
CA GLY A 447 1.27 -24.91 -6.40
C GLY A 447 1.79 -26.25 -6.86
N MET A 448 3.11 -26.39 -6.95
CA MET A 448 3.74 -27.62 -7.43
C MET A 448 3.87 -28.75 -6.42
N GLU A 449 3.91 -28.37 -5.14
CA GLU A 449 3.95 -29.26 -3.98
C GLU A 449 3.29 -30.62 -4.30
N PRO A 450 3.94 -31.73 -3.93
CA PRO A 450 3.43 -33.09 -4.20
C PRO A 450 2.25 -33.60 -3.36
N TRP A 451 1.51 -32.71 -2.70
CA TRP A 451 0.37 -33.16 -1.88
C TRP A 451 -0.87 -32.29 -2.02
N THR A 452 -1.98 -32.75 -1.45
CA THR A 452 -3.23 -32.01 -1.50
C THR A 452 -3.93 -31.97 -0.13
N LEU A 453 -3.93 -30.80 0.51
CA LEU A 453 -4.54 -30.62 1.82
C LEU A 453 -6.03 -30.92 1.83
N LYS A 454 -6.55 -31.31 3.00
CA LYS A 454 -7.97 -31.63 3.14
C LYS A 454 -8.79 -30.55 3.87
N HIS A 455 -10.12 -30.64 3.74
CA HIS A 455 -11.00 -29.67 4.39
C HIS A 455 -11.37 -30.25 5.73
N LYS A 456 -11.78 -29.38 6.65
CA LYS A 456 -12.20 -29.77 7.99
C LYS A 456 -13.50 -30.53 7.97
N GLY A 457 -14.13 -30.64 6.81
CA GLY A 457 -15.40 -31.34 6.73
C GLY A 457 -16.53 -30.38 6.41
N SER A 458 -17.77 -30.80 6.67
CA SER A 458 -18.96 -29.99 6.40
C SER A 458 -19.03 -28.75 7.24
N ASP A 459 -19.49 -27.66 6.63
CA ASP A 459 -19.59 -26.41 7.38
C ASP A 459 -20.60 -26.53 8.52
N SER A 460 -21.61 -27.39 8.37
CA SER A 460 -22.65 -27.52 9.38
C SER A 460 -22.20 -28.00 10.76
N ASP A 461 -21.24 -28.92 10.84
CA ASP A 461 -20.79 -29.39 12.16
C ASP A 461 -19.62 -28.60 12.66
N GLN A 462 -19.49 -27.37 12.24
CA GLN A 462 -18.33 -26.61 12.68
C GLN A 462 -18.70 -25.63 13.79
N LEU A 463 -19.98 -25.58 14.15
CA LEU A 463 -20.48 -24.66 15.19
C LEU A 463 -20.31 -25.20 16.59
N LYS A 464 -19.84 -24.37 17.50
CA LYS A 464 -19.66 -24.79 18.88
C LYS A 464 -20.94 -24.47 19.60
N PRO A 465 -21.15 -25.05 20.80
CA PRO A 465 -22.36 -24.77 21.56
C PRO A 465 -22.27 -23.33 22.09
N ALA A 466 -23.41 -22.67 22.24
CA ALA A 466 -23.43 -21.29 22.71
C ALA A 466 -22.74 -21.10 24.05
N LYS A 467 -23.09 -21.94 25.01
CA LYS A 467 -22.51 -21.85 26.33
C LYS A 467 -20.98 -21.84 26.36
N ASP A 468 -20.33 -22.29 25.30
CA ASP A 468 -18.86 -22.30 25.27
C ASP A 468 -18.26 -21.06 24.63
N CYS A 469 -19.07 -20.31 23.90
CA CYS A 469 -18.58 -19.09 23.23
C CYS A 469 -19.09 -17.82 23.89
N THR A 470 -18.44 -16.70 23.56
CA THR A 470 -18.84 -15.40 24.09
C THR A 470 -19.56 -14.66 22.97
N PRO A 471 -20.70 -14.04 23.29
CA PRO A 471 -21.48 -13.31 22.30
C PRO A 471 -20.74 -12.07 21.81
N ILE A 472 -20.93 -11.76 20.52
CA ILE A 472 -20.29 -10.60 19.92
C ILE A 472 -21.26 -9.43 20.05
N GLU A 473 -20.74 -8.28 20.49
CA GLU A 473 -21.52 -7.06 20.69
C GLU A 473 -21.44 -6.18 19.46
N TYR A 474 -22.41 -6.29 18.57
CA TYR A 474 -22.35 -5.48 17.38
C TYR A 474 -22.90 -4.08 17.60
N PRO A 475 -22.35 -3.09 16.90
CA PRO A 475 -22.77 -1.69 17.01
C PRO A 475 -24.20 -1.54 16.53
N LYS A 476 -24.75 -0.35 16.71
CA LYS A 476 -26.11 -0.05 16.25
C LYS A 476 -25.89 0.66 14.92
N PRO A 477 -26.73 0.39 13.90
CA PRO A 477 -26.55 1.05 12.61
C PRO A 477 -26.82 2.54 12.66
N ASP A 478 -25.95 3.33 12.04
CA ASP A 478 -26.16 4.77 12.08
C ASP A 478 -27.08 5.32 11.02
N GLY A 479 -27.53 4.44 10.13
CA GLY A 479 -28.46 4.86 9.10
C GLY A 479 -27.83 5.61 7.96
N GLN A 480 -26.52 5.68 7.93
CA GLN A 480 -25.84 6.39 6.87
C GLN A 480 -24.75 5.56 6.22
N ILE A 481 -24.04 4.79 7.05
CA ILE A 481 -22.98 3.91 6.56
C ILE A 481 -23.38 2.46 6.83
N SER A 482 -23.97 2.22 7.99
CA SER A 482 -24.41 0.90 8.38
C SER A 482 -25.92 0.96 8.53
N PHE A 483 -26.62 -0.06 8.02
CA PHE A 483 -28.07 -0.05 8.06
C PHE A 483 -28.62 -1.31 8.71
N ASP A 484 -29.92 -1.33 8.97
CA ASP A 484 -30.49 -2.52 9.58
C ASP A 484 -30.84 -3.53 8.50
N LEU A 485 -31.41 -4.64 8.92
CA LEU A 485 -31.73 -5.73 8.03
C LEU A 485 -32.96 -5.50 7.15
N LEU A 486 -33.95 -4.80 7.69
CA LEU A 486 -35.18 -4.59 6.94
C LEU A 486 -35.10 -3.55 5.84
N SER A 487 -34.36 -2.48 6.07
CA SER A 487 -34.21 -1.47 5.04
C SER A 487 -33.43 -2.17 3.94
N SER A 488 -32.53 -3.06 4.37
CA SER A 488 -31.71 -3.80 3.43
C SER A 488 -32.55 -4.73 2.58
N VAL A 489 -33.39 -5.53 3.22
CA VAL A 489 -34.21 -6.46 2.46
C VAL A 489 -35.02 -5.65 1.44
N ALA A 490 -35.50 -4.49 1.88
CA ALA A 490 -36.26 -3.62 0.99
C ALA A 490 -35.48 -3.30 -0.28
N LEU A 491 -34.22 -2.90 -0.11
CA LEU A 491 -33.37 -2.58 -1.25
C LEU A 491 -32.90 -3.76 -2.08
N SER A 492 -33.52 -4.92 -1.92
CA SER A 492 -33.14 -6.07 -2.74
C SER A 492 -34.28 -6.30 -3.71
N GLY A 493 -35.45 -5.74 -3.39
CA GLY A 493 -36.60 -5.87 -4.25
C GLY A 493 -37.26 -7.22 -4.24
N THR A 494 -36.88 -8.05 -3.28
CA THR A 494 -37.41 -9.40 -3.15
C THR A 494 -38.87 -9.48 -2.69
N ASN A 495 -39.67 -10.34 -3.31
CA ASN A 495 -41.06 -10.50 -2.89
C ASN A 495 -41.63 -11.80 -3.41
N HIS A 496 -42.57 -12.40 -2.67
CA HIS A 496 -43.23 -13.65 -3.10
C HIS A 496 -44.70 -13.57 -2.71
N GLU A 497 -45.52 -14.33 -3.44
CA GLU A 497 -46.94 -14.41 -3.14
C GLU A 497 -46.97 -14.83 -1.67
N HIS A 498 -47.66 -14.07 -0.82
CA HIS A 498 -47.69 -14.43 0.61
C HIS A 498 -48.42 -15.75 0.87
N ASP A 499 -49.49 -15.99 0.13
CA ASP A 499 -50.29 -17.19 0.32
C ASP A 499 -49.80 -18.42 -0.42
N GLN A 500 -48.76 -19.05 0.12
CA GLN A 500 -48.18 -20.27 -0.45
C GLN A 500 -47.33 -20.89 0.65
N PRO A 501 -47.21 -22.23 0.66
CA PRO A 501 -46.39 -22.84 1.71
C PRO A 501 -44.96 -22.32 1.70
N ALA A 502 -44.38 -22.14 2.88
CA ALA A 502 -43.01 -21.66 3.03
C ALA A 502 -42.05 -22.60 2.32
N HIS A 503 -41.15 -22.04 1.51
CA HIS A 503 -40.20 -22.86 0.77
C HIS A 503 -39.01 -23.26 1.60
N LEU A 504 -38.91 -22.73 2.81
CA LEU A 504 -37.83 -23.13 3.69
C LEU A 504 -38.47 -24.28 4.46
N THR A 505 -38.28 -25.51 3.98
CA THR A 505 -38.88 -26.69 4.63
C THR A 505 -38.07 -27.23 5.79
N LEU A 506 -38.76 -27.81 6.76
CA LEU A 506 -38.11 -28.40 7.93
C LEU A 506 -38.43 -29.88 7.94
N LYS A 507 -37.45 -30.73 8.23
CA LYS A 507 -37.68 -32.17 8.28
C LYS A 507 -38.45 -32.53 9.55
N ASP A 508 -38.18 -31.78 10.62
CA ASP A 508 -38.81 -32.00 11.93
C ASP A 508 -39.04 -30.61 12.54
N ASP A 509 -40.31 -30.22 12.70
CA ASP A 509 -40.66 -28.90 13.22
C ASP A 509 -40.28 -28.60 14.66
N SER A 510 -39.62 -29.55 15.32
CA SER A 510 -39.28 -29.35 16.73
C SER A 510 -37.82 -29.05 17.04
N VAL A 511 -36.93 -29.38 16.12
CA VAL A 511 -35.51 -29.20 16.38
C VAL A 511 -35.04 -27.75 16.50
N PRO A 512 -35.63 -26.82 15.71
CA PRO A 512 -35.18 -25.42 15.83
C PRO A 512 -35.37 -24.89 17.24
N VAL A 513 -36.43 -25.32 17.91
CA VAL A 513 -36.63 -24.88 19.28
C VAL A 513 -35.95 -25.82 20.28
N ASN A 514 -36.11 -27.13 20.12
CA ASN A 514 -35.47 -28.06 21.05
C ASN A 514 -33.95 -28.15 20.93
N ARG A 515 -33.46 -28.25 19.69
CA ARG A 515 -32.03 -28.38 19.47
C ARG A 515 -31.29 -27.06 19.25
N ASN A 516 -31.65 -26.33 18.21
CA ASN A 516 -30.98 -25.09 17.84
C ASN A 516 -31.00 -23.96 18.86
N LEU A 517 -32.19 -23.57 19.28
CA LEU A 517 -32.31 -22.48 20.23
C LEU A 517 -31.71 -22.89 21.58
N SER A 518 -31.88 -24.17 21.87
CA SER A 518 -31.41 -24.76 23.09
C SER A 518 -29.89 -24.77 23.14
N ILE A 519 -29.28 -25.52 22.21
CA ILE A 519 -27.83 -25.67 22.17
C ILE A 519 -27.05 -24.50 21.61
N TYR A 520 -27.44 -24.03 20.42
CA TYR A 520 -26.73 -22.95 19.75
C TYR A 520 -27.36 -21.57 19.85
N ASP A 521 -28.49 -21.49 20.55
CA ASP A 521 -29.21 -20.24 20.74
C ASP A 521 -29.75 -19.67 19.45
N GLY A 522 -30.39 -20.55 18.68
CA GLY A 522 -30.99 -20.18 17.40
C GLY A 522 -30.11 -19.41 16.45
N PRO A 523 -29.16 -20.07 15.76
CA PRO A 523 -28.27 -19.38 14.82
C PRO A 523 -28.99 -18.96 13.54
N GLU A 524 -30.12 -19.61 13.26
CA GLU A 524 -30.82 -19.25 12.05
C GLU A 524 -31.29 -17.81 12.15
N GLN A 525 -31.35 -17.26 13.36
CA GLN A 525 -31.82 -15.90 13.45
C GLN A 525 -30.70 -14.93 13.13
N ARG A 526 -29.48 -15.45 13.04
CA ARG A 526 -28.36 -14.58 12.67
C ARG A 526 -27.57 -14.93 11.42
N PHE A 527 -27.57 -16.19 10.98
CA PHE A 527 -26.81 -16.44 9.75
C PHE A 527 -27.63 -16.09 8.51
N CYS A 528 -28.92 -15.91 8.68
CA CYS A 528 -29.75 -15.52 7.54
C CYS A 528 -29.58 -14.03 7.30
N PRO A 529 -29.32 -13.64 6.04
CA PRO A 529 -29.15 -12.21 5.78
C PRO A 529 -30.43 -11.45 5.51
N ALA A 530 -31.58 -12.11 5.62
CA ALA A 530 -32.84 -11.43 5.34
C ALA A 530 -33.86 -11.48 6.48
N GLY A 531 -33.42 -11.80 7.68
CA GLY A 531 -34.34 -11.87 8.82
C GLY A 531 -35.55 -12.77 8.66
N VAL A 532 -35.42 -13.89 7.97
CA VAL A 532 -36.54 -14.80 7.79
C VAL A 532 -36.88 -15.59 9.05
N TYR A 533 -35.87 -16.03 9.78
CA TYR A 533 -36.15 -16.80 10.97
C TYR A 533 -36.14 -15.98 12.23
N GLU A 534 -37.22 -16.03 13.00
CA GLU A 534 -37.21 -15.34 14.27
C GLU A 534 -37.90 -16.17 15.33
N PHE A 535 -37.35 -16.08 16.54
CA PHE A 535 -37.86 -16.83 17.69
C PHE A 535 -38.77 -15.96 18.55
N VAL A 536 -40.02 -16.29 18.40
CA VAL A 536 -41.12 -15.58 19.00
C VAL A 536 -41.57 -16.14 20.34
N PRO A 537 -41.75 -15.26 21.35
CA PRO A 537 -42.22 -15.69 22.67
C PRO A 537 -43.56 -16.38 22.55
N LEU A 538 -43.78 -17.42 23.34
CA LEU A 538 -45.03 -18.15 23.25
C LEU A 538 -46.19 -17.44 23.95
N GLU A 539 -47.32 -17.38 23.23
CA GLU A 539 -48.58 -16.76 23.67
C GLU A 539 -48.59 -16.64 25.19
N GLN A 540 -48.42 -17.78 25.85
CA GLN A 540 -48.26 -17.83 27.29
C GLN A 540 -48.11 -19.23 27.88
N GLY A 541 -47.01 -19.30 28.60
CA GLY A 541 -46.53 -20.50 29.25
C GLY A 541 -45.09 -20.04 29.15
N ASP A 542 -44.19 -20.93 28.76
CA ASP A 542 -42.80 -20.54 28.59
C ASP A 542 -42.27 -21.05 27.26
N GLY A 543 -41.04 -20.66 26.95
CA GLY A 543 -40.43 -21.09 25.70
C GLY A 543 -40.79 -20.19 24.52
N PHE A 544 -40.38 -20.62 23.35
CA PHE A 544 -40.68 -19.82 22.17
C PHE A 544 -41.17 -20.73 21.09
N ARG A 545 -41.30 -20.17 19.89
CA ARG A 545 -41.75 -20.90 18.72
C ARG A 545 -40.98 -20.28 17.57
N LEU A 546 -40.80 -21.04 16.50
CA LEU A 546 -40.08 -20.52 15.36
C LEU A 546 -41.06 -20.01 14.34
N GLN A 547 -40.82 -18.77 13.93
CA GLN A 547 -41.64 -18.09 12.97
C GLN A 547 -40.83 -17.94 11.71
N ILE A 548 -41.35 -18.43 10.60
CA ILE A 548 -40.65 -18.32 9.34
C ILE A 548 -41.37 -17.37 8.41
N ASN A 549 -40.72 -16.26 8.11
CA ASN A 549 -41.26 -15.24 7.21
C ASN A 549 -40.69 -15.58 5.86
N ALA A 550 -41.29 -16.54 5.19
CA ALA A 550 -40.76 -16.98 3.92
C ALA A 550 -40.71 -15.91 2.86
N GLN A 551 -41.56 -14.89 2.98
CA GLN A 551 -41.64 -13.84 1.98
C GLN A 551 -40.39 -13.00 1.79
N ASN A 552 -39.56 -12.93 2.82
CA ASN A 552 -38.33 -12.16 2.77
C ASN A 552 -37.08 -12.89 2.23
N CYS A 553 -37.22 -14.19 1.98
CA CYS A 553 -36.10 -14.99 1.52
C CYS A 553 -35.51 -14.46 0.21
N VAL A 554 -34.20 -14.23 0.19
CA VAL A 554 -33.53 -13.75 -1.01
C VAL A 554 -32.82 -14.88 -1.73
N HIS A 555 -33.24 -16.11 -1.45
CA HIS A 555 -32.68 -17.31 -2.08
C HIS A 555 -31.16 -17.46 -2.06
N CYS A 556 -30.47 -17.10 -0.98
CA CYS A 556 -29.02 -17.24 -1.01
C CYS A 556 -28.56 -18.67 -0.71
N LYS A 557 -29.45 -19.43 -0.07
CA LYS A 557 -29.25 -20.84 0.28
C LYS A 557 -28.41 -21.09 1.53
N THR A 558 -27.92 -20.03 2.17
CA THR A 558 -27.09 -20.17 3.36
C THR A 558 -27.66 -21.01 4.50
N CYS A 559 -28.97 -20.97 4.69
CA CYS A 559 -29.56 -21.72 5.80
C CYS A 559 -29.52 -23.22 5.58
N ASP A 560 -29.69 -23.66 4.33
CA ASP A 560 -29.68 -25.08 3.99
C ASP A 560 -28.28 -25.60 4.24
N ILE A 561 -27.31 -24.70 4.15
CA ILE A 561 -25.94 -25.08 4.34
C ILE A 561 -25.49 -25.08 5.80
N LYS A 562 -25.65 -23.95 6.49
CA LYS A 562 -25.19 -23.77 7.87
C LYS A 562 -25.94 -24.40 9.06
N ASP A 563 -27.22 -24.74 8.89
CA ASP A 563 -28.00 -25.34 9.95
C ASP A 563 -27.27 -26.51 10.58
N PRO A 564 -26.92 -26.40 11.87
CA PRO A 564 -26.22 -27.45 12.61
C PRO A 564 -26.95 -28.76 12.65
N SER A 565 -28.26 -28.67 12.62
CA SER A 565 -29.06 -29.87 12.67
C SER A 565 -29.40 -30.38 11.28
N GLN A 566 -28.88 -29.73 10.22
CA GLN A 566 -29.21 -30.12 8.85
C GLN A 566 -30.68 -30.53 8.76
N ASN A 567 -31.54 -29.70 9.35
CA ASN A 567 -32.98 -29.92 9.41
C ASN A 567 -33.75 -29.16 8.32
N ILE A 568 -33.12 -28.12 7.78
CA ILE A 568 -33.71 -27.28 6.74
C ILE A 568 -33.38 -27.73 5.32
N ASN A 569 -34.36 -27.63 4.42
CA ASN A 569 -34.10 -27.96 3.01
C ASN A 569 -34.73 -26.94 2.09
N TRP A 570 -33.91 -26.02 1.57
CA TRP A 570 -34.38 -24.98 0.69
C TRP A 570 -34.99 -25.55 -0.58
N VAL A 571 -36.21 -25.13 -0.87
CA VAL A 571 -36.93 -25.59 -2.05
C VAL A 571 -37.40 -24.34 -2.78
N VAL A 572 -37.80 -24.46 -4.04
CA VAL A 572 -38.25 -23.28 -4.74
C VAL A 572 -39.69 -22.93 -4.48
N PRO A 573 -39.97 -21.64 -4.30
CA PRO A 573 -41.29 -21.05 -4.05
C PRO A 573 -41.84 -20.82 -5.43
N GLU A 574 -43.09 -20.38 -5.57
CA GLU A 574 -43.63 -20.16 -6.91
C GLU A 574 -42.64 -19.37 -7.75
N GLY A 575 -42.50 -19.75 -9.03
CA GLY A 575 -41.59 -19.03 -9.92
C GLY A 575 -41.84 -17.53 -9.99
N GLY A 576 -40.79 -16.74 -10.09
CA GLY A 576 -40.98 -15.30 -10.15
C GLY A 576 -40.74 -14.68 -8.80
N GLY A 577 -40.86 -15.46 -7.75
CA GLY A 577 -40.62 -14.92 -6.43
C GLY A 577 -39.13 -14.82 -6.16
N GLY A 578 -38.77 -13.86 -5.32
CA GLY A 578 -37.37 -13.69 -4.98
C GLY A 578 -36.88 -12.28 -5.26
N PRO A 579 -35.58 -12.05 -5.10
CA PRO A 579 -35.02 -10.71 -5.35
C PRO A 579 -35.30 -10.17 -6.76
N ALA A 580 -35.19 -8.86 -6.88
CA ALA A 580 -35.36 -8.20 -8.15
C ALA A 580 -34.08 -7.39 -8.26
N TYR A 581 -32.97 -8.10 -8.40
CA TYR A 581 -31.65 -7.48 -8.51
C TYR A 581 -31.48 -6.81 -9.89
N ASN A 582 -30.82 -5.65 -9.91
CA ASN A 582 -30.57 -4.97 -11.17
C ASN A 582 -29.10 -4.63 -11.31
N GLY A 583 -28.37 -5.47 -12.03
CA GLY A 583 -26.95 -5.25 -12.25
C GLY A 583 -26.09 -5.55 -11.04
N MET A 584 -26.52 -6.53 -10.26
CA MET A 584 -25.80 -6.91 -9.07
C MET A 584 -24.78 -7.99 -9.35
N PRO B 7 47.70 29.16 -16.81
CA PRO B 7 46.92 28.04 -16.28
C PRO B 7 45.99 28.57 -15.17
N ARG B 8 46.60 29.25 -14.20
CA ARG B 8 46.03 29.81 -12.96
C ARG B 8 44.54 29.85 -12.63
N ILE B 9 43.92 28.70 -12.34
CA ILE B 9 42.49 28.64 -11.98
C ILE B 9 42.28 28.96 -10.50
N THR B 10 43.19 28.47 -9.66
CA THR B 10 43.13 28.68 -8.22
C THR B 10 43.76 30.01 -7.86
N THR B 11 42.95 30.92 -7.38
CA THR B 11 43.47 32.23 -7.04
C THR B 11 43.14 32.57 -5.58
N HIS B 12 43.03 31.54 -4.74
CA HIS B 12 42.70 31.72 -3.34
C HIS B 12 43.91 31.73 -2.41
N TYR B 13 43.80 32.54 -1.35
CA TYR B 13 44.84 32.72 -0.34
C TYR B 13 45.06 31.54 0.59
N THR B 14 44.40 30.44 0.29
CA THR B 14 44.50 29.24 1.10
C THR B 14 45.61 28.36 0.54
N ILE B 15 45.85 28.50 -0.77
CA ILE B 15 46.88 27.71 -1.45
C ILE B 15 48.04 28.58 -1.91
N TYR B 16 47.76 29.86 -2.06
CA TYR B 16 48.76 30.85 -2.44
C TYR B 16 48.73 31.93 -1.37
N PRO B 17 49.25 31.63 -0.15
CA PRO B 17 49.27 32.59 0.95
C PRO B 17 49.65 34.02 0.55
N ARG B 18 48.96 34.98 1.17
CA ARG B 18 49.21 36.40 0.94
C ARG B 18 50.61 36.77 1.39
N ASP B 19 51.14 35.98 2.31
CA ASP B 19 52.47 36.19 2.86
C ASP B 19 53.51 35.53 1.97
N GLN B 20 53.39 35.80 0.68
CA GLN B 20 54.30 35.29 -0.32
C GLN B 20 53.84 35.62 -1.73
N ASP B 21 52.80 36.46 -1.83
CA ASP B 21 52.27 36.91 -3.12
C ASP B 21 52.88 38.31 -3.23
N LYS B 22 53.49 38.62 -4.37
CA LYS B 22 54.14 39.91 -4.59
C LYS B 22 53.30 41.16 -4.32
N ARG B 23 52.00 41.06 -4.59
CA ARG B 23 51.10 42.20 -4.43
C ARG B 23 50.53 42.40 -3.02
N TRP B 24 51.10 41.72 -2.03
CA TRP B 24 50.64 41.82 -0.63
C TRP B 24 51.62 42.49 0.35
N GLU B 25 52.86 42.68 -0.08
CA GLU B 25 53.92 43.29 0.72
C GLU B 25 53.60 44.41 1.72
N GLY B 26 52.97 45.47 1.25
CA GLY B 26 52.68 46.60 2.13
C GLY B 26 51.27 46.91 2.55
N VAL B 27 50.53 45.89 2.95
CA VAL B 27 49.15 46.09 3.38
C VAL B 27 49.02 45.59 4.84
N ASN B 28 48.50 46.46 5.71
CA ASN B 28 48.33 46.14 7.13
C ASN B 28 47.39 44.97 7.42
N MET B 29 47.97 43.83 7.77
CA MET B 29 47.19 42.65 8.11
C MET B 29 47.29 42.24 9.57
N GLU B 30 46.17 42.45 10.27
CA GLU B 30 45.98 42.12 11.67
C GLU B 30 44.65 42.77 11.99
N ARG B 31 43.89 42.14 12.88
CA ARG B 31 42.55 42.61 13.15
C ARG B 31 42.13 42.88 14.57
N PHE B 32 41.08 43.70 14.70
CA PHE B 32 40.53 44.04 16.00
C PHE B 32 39.98 42.71 16.51
N ALA B 33 39.72 42.56 17.81
CA ALA B 33 39.24 41.28 18.31
C ALA B 33 38.32 41.31 19.54
N GLU B 34 37.13 40.73 19.41
CA GLU B 34 36.17 40.66 20.52
C GLU B 34 36.58 39.47 21.40
N GLU B 35 36.43 39.60 22.70
CA GLU B 35 36.80 38.57 23.66
C GLU B 35 35.58 38.03 24.40
N ALA B 36 35.04 36.91 23.92
CA ALA B 36 33.85 36.31 24.55
C ALA B 36 34.19 35.07 25.39
N ASP B 37 33.17 34.59 26.11
CA ASP B 37 33.34 33.40 26.95
C ASP B 37 33.38 32.16 26.06
N VAL B 38 32.43 32.08 25.12
CA VAL B 38 32.38 30.95 24.18
C VAL B 38 31.92 31.45 22.81
N VAL B 39 32.50 30.89 21.75
CA VAL B 39 32.12 31.28 20.40
C VAL B 39 31.50 30.07 19.74
N ILE B 40 30.44 30.30 18.98
CA ILE B 40 29.78 29.19 18.33
C ILE B 40 29.75 29.34 16.83
N VAL B 41 30.33 28.34 16.15
CA VAL B 41 30.34 28.31 14.71
C VAL B 41 29.10 27.51 14.33
N GLY B 42 28.33 28.00 13.36
CA GLY B 42 27.13 27.27 12.98
C GLY B 42 25.87 28.09 12.79
N ALA B 43 25.10 28.26 13.87
CA ALA B 43 23.85 29.02 13.78
C ALA B 43 22.80 28.18 13.05
N GLY B 44 22.91 26.87 13.22
CA GLY B 44 21.97 25.92 12.62
C GLY B 44 21.27 25.21 13.76
N PRO B 45 20.34 24.28 13.50
CA PRO B 45 19.68 23.61 14.62
C PRO B 45 20.59 23.25 15.80
N ALA B 46 21.74 22.65 15.52
CA ALA B 46 22.67 22.27 16.57
C ALA B 46 23.26 23.49 17.28
N GLY B 47 23.83 24.40 16.49
CA GLY B 47 24.44 25.60 17.04
C GLY B 47 23.55 26.49 17.88
N LEU B 48 22.34 26.77 17.42
CA LEU B 48 21.41 27.60 18.16
C LEU B 48 21.05 26.89 19.45
N SER B 49 20.92 25.58 19.39
CA SER B 49 20.58 24.77 20.55
C SER B 49 21.55 25.03 21.70
N ALA B 50 22.84 25.05 21.39
CA ALA B 50 23.87 25.29 22.41
C ALA B 50 23.81 26.75 22.84
N ALA B 51 23.76 27.64 21.87
CA ALA B 51 23.68 29.07 22.13
C ALA B 51 22.53 29.34 23.09
N THR B 52 21.38 28.75 22.80
CA THR B 52 20.17 28.92 23.61
C THR B 52 20.24 28.32 25.00
N ARG B 53 20.66 27.06 25.09
CA ARG B 53 20.76 26.39 26.37
C ARG B 53 21.75 27.09 27.28
N LEU B 54 22.86 27.55 26.70
CA LEU B 54 23.91 28.24 27.46
C LEU B 54 23.39 29.41 28.26
N LYS B 55 22.50 30.19 27.65
CA LYS B 55 21.91 31.33 28.32
C LYS B 55 20.81 30.91 29.31
N GLN B 56 20.17 29.78 29.04
CA GLN B 56 19.12 29.25 29.92
C GLN B 56 19.83 29.01 31.26
N LEU B 57 21.07 28.55 31.18
CA LEU B 57 21.86 28.25 32.36
C LEU B 57 22.47 29.49 32.99
N ALA B 58 22.73 30.51 32.18
CA ALA B 58 23.27 31.76 32.68
C ALA B 58 22.14 32.43 33.47
N ALA B 59 20.90 32.18 33.06
CA ALA B 59 19.72 32.77 33.69
C ALA B 59 19.35 32.17 35.04
N GLN B 60 19.18 30.85 35.09
CA GLN B 60 18.80 30.20 36.34
C GLN B 60 19.87 30.28 37.42
N HIS B 61 21.12 30.49 37.03
CA HIS B 61 22.18 30.59 38.03
C HIS B 61 22.67 32.00 38.36
N GLU B 62 22.18 32.99 37.60
CA GLU B 62 22.55 34.41 37.77
C GLU B 62 24.03 34.64 37.44
N LYS B 63 24.69 33.61 36.92
CA LYS B 63 26.07 33.74 36.50
C LYS B 63 25.91 34.53 35.19
N ASP B 64 26.97 35.12 34.66
CA ASP B 64 26.84 35.91 33.44
C ASP B 64 27.78 35.46 32.31
N LEU B 65 27.21 35.20 31.13
CA LEU B 65 27.97 34.69 29.98
C LEU B 65 27.83 35.52 28.71
N ARG B 66 28.92 35.62 27.94
CA ARG B 66 28.92 36.32 26.66
C ARG B 66 29.26 35.28 25.59
N VAL B 67 28.31 35.01 24.69
CA VAL B 67 28.48 34.02 23.61
C VAL B 67 28.06 34.54 22.23
N CYS B 68 29.01 34.56 21.30
CA CYS B 68 28.74 35.04 19.94
C CYS B 68 28.50 33.93 18.95
N LEU B 69 27.54 34.14 18.06
CA LEU B 69 27.18 33.16 17.03
C LEU B 69 27.54 33.59 15.62
N VAL B 70 28.19 32.69 14.89
CA VAL B 70 28.60 33.00 13.53
C VAL B 70 27.79 32.19 12.53
N GLU B 71 27.33 32.85 11.47
CA GLU B 71 26.57 32.18 10.44
C GLU B 71 27.27 32.42 9.11
N LYS B 72 27.33 31.39 8.29
CA LYS B 72 28.00 31.46 7.01
C LYS B 72 27.31 32.37 6.00
N ALA B 73 26.11 32.88 6.30
CA ALA B 73 25.48 33.72 5.30
C ALA B 73 24.32 34.64 5.58
N ALA B 74 24.00 35.35 4.51
CA ALA B 74 22.92 36.33 4.39
C ALA B 74 22.02 36.44 5.59
N HIS B 75 21.25 35.40 5.86
CA HIS B 75 20.33 35.45 6.99
C HIS B 75 20.25 34.12 7.73
N ILE B 76 19.72 34.17 8.96
CA ILE B 76 19.57 32.97 9.78
C ILE B 76 18.44 32.08 9.23
N GLY B 77 18.82 30.89 8.80
CA GLY B 77 17.85 29.96 8.24
C GLY B 77 17.72 30.14 6.74
N ALA B 78 18.67 30.85 6.15
CA ALA B 78 18.66 31.09 4.71
C ALA B 78 19.57 30.09 4.02
N HIS B 79 20.20 29.22 4.81
CA HIS B 79 21.10 28.22 4.24
C HIS B 79 20.70 26.80 4.61
N THR B 80 19.72 26.69 5.52
CA THR B 80 19.27 25.37 5.98
C THR B 80 18.39 24.74 4.92
N LEU B 81 18.60 23.45 4.69
CA LEU B 81 17.86 22.68 3.70
C LEU B 81 17.67 21.25 4.20
N SER B 82 16.42 20.84 4.25
CA SER B 82 16.04 19.52 4.74
C SER B 82 14.62 19.34 4.25
N GLY B 83 14.07 18.14 4.37
CA GLY B 83 12.68 17.92 3.98
C GLY B 83 11.92 18.22 5.25
N ALA B 84 12.50 17.71 6.33
CA ALA B 84 12.05 17.87 7.71
C ALA B 84 10.82 17.10 8.22
N CYS B 85 11.13 16.10 9.04
CA CYS B 85 10.20 15.22 9.72
C CYS B 85 10.83 15.11 11.11
N LEU B 86 10.70 16.19 11.87
CA LEU B 86 11.29 16.37 13.19
C LEU B 86 10.80 15.53 14.37
N ASP B 87 11.74 14.99 15.15
CA ASP B 87 11.44 14.19 16.34
C ASP B 87 11.59 15.15 17.53
N PRO B 88 10.47 15.73 17.98
CA PRO B 88 10.29 16.69 19.07
C PRO B 88 11.10 16.47 20.34
N ARG B 89 11.65 15.28 20.49
CA ARG B 89 12.41 14.94 21.66
C ARG B 89 13.37 16.00 22.25
N ALA B 90 14.43 16.34 21.53
CA ALA B 90 15.38 17.32 22.04
C ALA B 90 14.82 18.73 22.05
N PHE B 91 13.87 18.98 21.16
CA PHE B 91 13.26 20.29 21.04
C PHE B 91 12.45 20.66 22.28
N GLU B 92 11.68 19.70 22.78
CA GLU B 92 10.84 19.95 23.94
C GLU B 92 11.65 19.92 25.22
N GLU B 93 12.95 19.69 25.10
CA GLU B 93 13.81 19.69 26.27
C GLU B 93 14.37 21.12 26.30
N LEU B 94 14.48 21.72 25.11
CA LEU B 94 14.98 23.08 24.92
C LEU B 94 13.84 24.10 25.12
N PHE B 95 12.74 23.91 24.38
CA PHE B 95 11.59 24.80 24.46
C PHE B 95 10.29 24.07 24.77
N PRO B 96 10.09 23.64 26.02
CA PRO B 96 8.83 22.94 26.31
C PRO B 96 7.61 23.82 26.08
N ASP B 97 7.85 25.13 26.00
CA ASP B 97 6.79 26.11 25.80
C ASP B 97 6.65 26.52 24.33
N TRP B 98 7.36 25.81 23.46
CA TRP B 98 7.37 26.09 22.02
C TRP B 98 6.02 26.42 21.36
N LYS B 99 4.96 25.80 21.84
CA LYS B 99 3.64 26.00 21.25
C LYS B 99 3.24 27.47 21.19
N GLU B 100 2.68 27.96 22.29
CA GLU B 100 2.26 29.35 22.35
C GLU B 100 3.45 30.29 22.41
N LYS B 101 4.55 29.87 21.81
CA LYS B 101 5.75 30.67 21.78
C LYS B 101 6.11 30.83 20.31
N GLY B 102 5.19 30.40 19.44
CA GLY B 102 5.39 30.52 18.00
C GLY B 102 6.22 29.50 17.26
N ALA B 103 6.72 28.46 17.94
CA ALA B 103 7.51 27.44 17.25
C ALA B 103 6.65 26.79 16.18
N PRO B 104 7.04 26.95 14.90
CA PRO B 104 6.31 26.39 13.76
C PRO B 104 6.26 24.88 13.57
N LEU B 105 5.72 24.18 14.57
CA LEU B 105 5.54 22.73 14.49
C LEU B 105 4.05 22.56 14.25
N ASN B 106 3.59 22.98 13.07
CA ASN B 106 2.17 22.92 12.73
C ASN B 106 1.69 21.68 12.01
N THR B 107 2.56 20.73 11.70
CA THR B 107 2.06 19.56 10.97
C THR B 107 2.39 18.24 11.62
N PRO B 108 1.41 17.62 12.30
CA PRO B 108 1.80 16.35 12.89
C PRO B 108 1.70 15.33 11.78
N VAL B 109 2.52 14.29 11.81
CA VAL B 109 2.45 13.29 10.77
C VAL B 109 1.20 12.47 11.02
N THR B 110 0.43 12.23 9.97
CA THR B 110 -0.81 11.48 10.11
C THR B 110 -0.86 10.20 9.27
N GLU B 111 0.02 10.11 8.28
CA GLU B 111 0.06 8.94 7.43
C GLU B 111 1.47 8.65 6.94
N ASP B 112 2.01 7.49 7.31
CA ASP B 112 3.34 7.11 6.91
C ASP B 112 3.28 6.09 5.78
N ARG B 113 3.83 6.43 4.62
CA ARG B 113 3.81 5.52 3.47
C ARG B 113 5.17 5.19 2.91
N PHE B 114 5.27 4.03 2.26
CA PHE B 114 6.53 3.60 1.67
C PHE B 114 6.29 2.68 0.47
N GLY B 115 7.07 2.88 -0.58
CA GLY B 115 6.91 2.05 -1.77
C GLY B 115 8.21 1.82 -2.52
N ILE B 116 8.25 0.75 -3.29
CA ILE B 116 9.41 0.39 -4.09
C ILE B 116 9.00 0.61 -5.54
N LEU B 117 9.78 1.39 -6.29
CA LEU B 117 9.42 1.69 -7.67
C LEU B 117 10.13 0.89 -8.76
N THR B 118 9.43 0.75 -9.88
CA THR B 118 9.92 0.06 -11.05
C THR B 118 9.59 1.01 -12.20
N GLU B 119 10.11 0.76 -13.40
CA GLU B 119 9.83 1.67 -14.51
C GLU B 119 8.36 2.11 -14.50
N LYS B 120 7.45 1.15 -14.38
CA LYS B 120 6.03 1.46 -14.43
C LYS B 120 5.18 1.30 -13.16
N TYR B 121 5.64 0.55 -12.18
CA TYR B 121 4.82 0.36 -11.00
C TYR B 121 5.35 0.89 -9.68
N ARG B 122 4.51 0.74 -8.67
CA ARG B 122 4.83 1.13 -7.31
C ARG B 122 4.44 -0.04 -6.42
N ILE B 123 5.41 -0.59 -5.70
CA ILE B 123 5.13 -1.72 -4.81
C ILE B 123 5.05 -1.21 -3.39
N PRO B 124 3.87 -1.29 -2.78
CA PRO B 124 3.69 -0.83 -1.41
C PRO B 124 4.38 -1.74 -0.41
N VAL B 125 4.98 -1.14 0.60
CA VAL B 125 5.65 -1.90 1.64
C VAL B 125 5.05 -1.57 3.01
N PRO B 126 4.65 -2.61 3.75
CA PRO B 126 4.06 -2.44 5.07
C PRO B 126 4.99 -1.82 6.09
N ILE B 127 4.58 -0.71 6.68
CA ILE B 127 5.39 -0.06 7.69
C ILE B 127 4.71 -0.44 9.03
N LEU B 128 5.42 -1.23 9.86
CA LEU B 128 4.93 -1.64 11.14
C LEU B 128 5.73 -1.06 12.33
N PRO B 129 5.02 -0.64 13.41
CA PRO B 129 5.49 0.00 14.65
C PRO B 129 6.88 -0.44 15.24
N GLY B 130 7.49 -1.48 14.71
CA GLY B 130 8.80 -1.83 15.20
C GLY B 130 9.89 -1.59 14.17
N LEU B 131 9.56 -0.79 13.17
CA LEU B 131 10.52 -0.47 12.12
C LEU B 131 10.98 0.98 12.31
N PRO B 132 12.14 1.34 11.74
CA PRO B 132 12.69 2.70 11.87
C PRO B 132 11.86 3.80 11.18
N MET B 133 11.52 3.58 9.90
CA MET B 133 10.75 4.55 9.13
C MET B 133 9.33 4.86 9.69
N ASN B 134 9.17 4.82 11.02
CA ASN B 134 7.89 5.09 11.70
C ASN B 134 7.89 6.49 12.38
N ASN B 135 7.00 7.38 11.93
CA ASN B 135 6.95 8.75 12.43
C ASN B 135 5.85 9.16 13.41
N HIS B 136 5.02 8.21 13.86
CA HIS B 136 3.95 8.57 14.80
C HIS B 136 4.45 9.41 15.97
N GLY B 137 3.91 10.63 16.09
CA GLY B 137 4.31 11.53 17.15
C GLY B 137 5.16 12.70 16.65
N ASN B 138 5.79 12.51 15.50
CA ASN B 138 6.64 13.52 14.89
C ASN B 138 5.79 14.55 14.16
N TYR B 139 6.47 15.65 13.79
CA TYR B 139 5.84 16.76 13.06
C TYR B 139 6.62 17.04 11.78
N VAL B 140 5.93 17.46 10.73
CA VAL B 140 6.59 17.79 9.47
C VAL B 140 6.87 19.30 9.54
N VAL B 141 8.14 19.69 9.48
CA VAL B 141 8.44 21.11 9.55
C VAL B 141 9.28 21.63 8.40
N ARG B 142 9.36 22.95 8.32
CA ARG B 142 10.17 23.63 7.31
C ARG B 142 11.33 24.13 8.15
N LEU B 143 12.45 23.42 8.10
CA LEU B 143 13.60 23.81 8.88
C LEU B 143 13.95 25.30 8.81
N GLY B 144 13.99 25.83 7.59
CA GLY B 144 14.30 27.23 7.41
C GLY B 144 13.66 28.04 8.51
N HIS B 145 12.33 27.95 8.59
CA HIS B 145 11.56 28.66 9.59
C HIS B 145 11.87 28.30 11.04
N LEU B 146 11.81 27.02 11.38
CA LEU B 146 12.09 26.64 12.76
C LEU B 146 13.46 27.13 13.20
N VAL B 147 14.43 27.09 12.30
CA VAL B 147 15.77 27.55 12.63
C VAL B 147 15.75 29.05 12.92
N SER B 148 15.05 29.81 12.07
CA SER B 148 14.90 31.25 12.23
C SER B 148 14.28 31.48 13.58
N TRP B 149 13.08 30.96 13.73
CA TRP B 149 12.34 31.05 14.97
C TRP B 149 13.31 30.90 16.13
N MET B 150 14.18 29.89 16.03
CA MET B 150 15.17 29.63 17.07
C MET B 150 16.12 30.82 17.20
N GLY B 151 16.68 31.24 16.07
CA GLY B 151 17.57 32.39 16.09
C GLY B 151 16.87 33.52 16.82
N GLU B 152 15.57 33.67 16.55
CA GLU B 152 14.78 34.71 17.18
C GLU B 152 14.85 34.62 18.71
N GLN B 153 14.56 33.43 19.23
CA GLN B 153 14.59 33.19 20.67
C GLN B 153 16.01 33.33 21.20
N ALA B 154 16.95 33.48 20.28
CA ALA B 154 18.35 33.62 20.64
C ALA B 154 18.74 35.08 20.87
N GLU B 155 18.44 35.95 19.90
CA GLU B 155 18.76 37.36 20.09
C GLU B 155 17.85 37.84 21.21
N ALA B 156 16.87 37.01 21.56
CA ALA B 156 15.92 37.33 22.63
C ALA B 156 16.28 36.72 23.98
N LEU B 157 17.49 36.19 24.12
CA LEU B 157 17.89 35.61 25.39
C LEU B 157 19.22 36.20 25.85
N GLY B 158 19.79 37.06 25.01
CA GLY B 158 21.04 37.68 25.36
C GLY B 158 22.21 37.06 24.63
N VAL B 159 21.90 36.28 23.58
CA VAL B 159 22.96 35.63 22.82
C VAL B 159 23.30 36.50 21.60
N GLU B 160 24.59 36.74 21.41
CA GLU B 160 25.09 37.58 20.32
C GLU B 160 25.18 36.85 18.96
N VAL B 161 24.21 37.11 18.08
CA VAL B 161 24.20 36.49 16.76
C VAL B 161 24.86 37.38 15.71
N TYR B 162 25.64 36.75 14.85
CA TYR B 162 26.38 37.43 13.79
C TYR B 162 26.21 36.81 12.40
N PRO B 163 24.99 36.94 11.85
CA PRO B 163 24.41 36.51 10.58
C PRO B 163 24.90 36.99 9.22
N GLY B 164 26.20 36.94 8.96
CA GLY B 164 26.67 37.36 7.65
C GLY B 164 28.15 37.09 7.67
N TYR B 165 28.60 36.41 8.71
CA TYR B 165 30.01 36.16 8.85
C TYR B 165 30.56 34.73 8.88
N ALA B 166 31.15 34.35 7.75
CA ALA B 166 31.75 33.03 7.58
C ALA B 166 33.03 32.95 8.39
N ALA B 167 33.18 31.84 9.11
CA ALA B 167 34.37 31.58 9.94
C ALA B 167 35.40 30.92 9.03
N ALA B 168 36.41 31.69 8.61
CA ALA B 168 37.42 31.18 7.67
C ALA B 168 38.75 30.65 8.22
N GLU B 169 39.08 30.97 9.47
CA GLU B 169 40.34 30.50 10.01
C GLU B 169 40.29 30.09 11.48
N ILE B 170 41.10 29.10 11.81
CA ILE B 170 41.15 28.60 13.18
C ILE B 170 42.35 29.20 13.91
N LEU B 171 42.07 30.02 14.92
CA LEU B 171 43.12 30.66 15.69
C LEU B 171 43.65 29.69 16.73
N PHE B 172 44.97 29.59 16.81
CA PHE B 172 45.63 28.70 17.76
C PHE B 172 46.47 29.46 18.80
N HIS B 173 46.44 28.98 20.04
CA HIS B 173 47.25 29.59 21.11
C HIS B 173 48.68 29.05 20.92
N GLU B 174 49.64 29.60 21.66
CA GLU B 174 51.04 29.16 21.52
C GLU B 174 51.32 27.77 22.07
N ASP B 175 50.29 27.14 22.61
CA ASP B 175 50.42 25.79 23.15
C ASP B 175 49.87 24.74 22.19
N GLY B 176 48.82 25.10 21.43
CA GLY B 176 48.20 24.18 20.49
C GLY B 176 46.69 24.24 20.52
N SER B 177 46.15 24.65 21.67
CA SER B 177 44.71 24.76 21.85
C SER B 177 44.16 25.85 20.95
N VAL B 178 42.85 25.83 20.72
CA VAL B 178 42.24 26.81 19.84
C VAL B 178 41.91 28.12 20.57
N LYS B 179 42.18 29.22 19.87
CA LYS B 179 41.95 30.56 20.38
C LYS B 179 40.52 31.00 20.06
N GLY B 180 40.17 30.88 18.78
CA GLY B 180 38.86 31.26 18.32
C GLY B 180 38.82 31.32 16.81
N ILE B 181 37.93 32.12 16.26
CA ILE B 181 37.82 32.22 14.81
C ILE B 181 38.02 33.61 14.23
N ALA B 182 38.40 33.64 12.95
CA ALA B 182 38.61 34.86 12.21
C ALA B 182 37.58 34.84 11.09
N THR B 183 36.75 35.88 11.00
CA THR B 183 35.72 35.91 9.96
C THR B 183 36.39 36.21 8.61
N ASN B 184 35.64 36.04 7.51
CA ASN B 184 36.16 36.26 6.16
C ASN B 184 36.64 37.69 5.89
N ASP B 185 37.86 37.82 5.39
CA ASP B 185 38.40 39.14 5.07
C ASP B 185 37.66 39.66 3.83
N VAL B 186 36.73 40.60 4.00
CA VAL B 186 35.99 41.13 2.85
C VAL B 186 36.89 41.90 1.88
N GLY B 187 36.39 42.13 0.66
CA GLY B 187 37.12 42.90 -0.34
C GLY B 187 38.43 42.38 -0.93
N ILE B 188 38.31 41.52 -1.94
CA ILE B 188 39.47 40.95 -2.63
C ILE B 188 39.00 40.63 -4.04
N GLN B 189 39.93 40.38 -4.97
CA GLN B 189 39.51 40.08 -6.34
C GLN B 189 39.75 38.70 -6.93
N LYS B 190 39.02 38.45 -8.02
CA LYS B 190 39.03 37.22 -8.79
C LYS B 190 40.42 36.82 -9.30
N ASP B 191 41.38 37.74 -9.25
CA ASP B 191 42.71 37.38 -9.69
C ASP B 191 43.64 37.11 -8.51
N GLY B 192 43.23 37.50 -7.30
CA GLY B 192 43.99 37.20 -6.10
C GLY B 192 44.65 38.41 -5.40
N ALA B 193 44.66 39.56 -6.07
CA ALA B 193 45.24 40.73 -5.55
C ALA B 193 44.24 41.74 -4.85
N PRO B 194 44.60 42.23 -3.64
CA PRO B 194 43.94 43.12 -2.67
C PRO B 194 43.08 44.22 -3.34
N LYS B 195 42.36 44.96 -2.48
CA LYS B 195 41.44 45.96 -2.91
C LYS B 195 41.52 47.30 -2.20
N THR B 196 41.01 48.31 -2.89
CA THR B 196 40.97 49.64 -2.31
C THR B 196 39.95 49.38 -1.20
N THR B 197 39.07 48.43 -1.47
CA THR B 197 37.99 48.00 -0.59
C THR B 197 38.42 47.08 0.56
N PHE B 198 39.50 46.35 0.37
CA PHE B 198 40.01 45.39 1.37
C PHE B 198 39.85 45.71 2.86
N GLU B 199 39.35 44.72 3.61
CA GLU B 199 39.19 44.83 5.06
C GLU B 199 39.38 43.47 5.70
N ARG B 200 39.96 43.47 6.88
CA ARG B 200 40.22 42.23 7.61
C ARG B 200 39.06 41.79 8.51
N GLY B 201 38.84 40.48 8.63
CA GLY B 201 37.77 39.97 9.48
C GLY B 201 38.01 39.97 10.99
N LEU B 202 36.94 39.79 11.77
CA LEU B 202 37.01 39.78 13.23
C LEU B 202 37.74 38.57 13.79
N GLU B 203 38.48 38.81 14.86
CA GLU B 203 39.27 37.82 15.57
C GLU B 203 38.53 37.53 16.88
N LEU B 204 37.60 36.58 16.90
CA LEU B 204 36.83 36.28 18.11
C LEU B 204 37.50 35.25 19.02
N HIS B 205 37.95 35.71 20.20
CA HIS B 205 38.65 34.86 21.18
C HIS B 205 37.76 34.22 22.24
N ALA B 206 37.76 32.88 22.31
CA ALA B 206 36.93 32.19 23.30
C ALA B 206 37.65 31.11 24.12
N LYS B 207 37.12 30.86 25.32
CA LYS B 207 37.66 29.86 26.23
C LYS B 207 37.43 28.50 25.55
N VAL B 208 36.27 28.37 24.90
CA VAL B 208 35.86 27.15 24.17
C VAL B 208 34.98 27.58 23.01
N THR B 209 35.25 27.03 21.83
CA THR B 209 34.46 27.35 20.66
C THR B 209 33.63 26.12 20.29
N ILE B 210 32.43 26.34 19.79
CA ILE B 210 31.56 25.24 19.43
C ILE B 210 31.41 25.18 17.92
N PHE B 211 31.94 24.10 17.33
CA PHE B 211 31.88 23.93 15.89
C PHE B 211 30.68 23.13 15.46
N ALA B 212 29.71 23.80 14.85
CA ALA B 212 28.48 23.17 14.38
C ALA B 212 28.28 23.52 12.91
N GLU B 213 29.35 23.34 12.13
CA GLU B 213 29.36 23.63 10.71
C GLU B 213 28.42 22.78 9.86
N GLY B 214 27.65 21.90 10.49
CA GLY B 214 26.75 21.04 9.73
C GLY B 214 27.54 19.98 8.98
N CYS B 215 26.87 19.23 8.12
CA CYS B 215 27.52 18.17 7.36
C CYS B 215 28.80 18.61 6.64
N HIS B 216 29.84 17.79 6.75
CA HIS B 216 31.14 18.04 6.11
C HIS B 216 31.60 19.50 6.18
N GLY B 217 31.82 20.01 7.38
CA GLY B 217 32.27 21.39 7.54
C GLY B 217 33.68 21.64 7.04
N HIS B 218 33.90 22.76 6.33
CA HIS B 218 35.21 23.10 5.79
C HIS B 218 36.29 23.31 6.86
N LEU B 219 35.87 23.64 8.09
CA LEU B 219 36.80 23.86 9.20
C LEU B 219 37.04 22.60 9.99
N ALA B 220 36.09 21.67 9.92
CA ALA B 220 36.20 20.41 10.61
C ALA B 220 37.26 19.60 9.87
N LYS B 221 37.13 19.57 8.55
CA LYS B 221 38.07 18.85 7.69
C LYS B 221 39.50 19.07 8.16
N GLN B 222 39.88 20.32 8.46
CA GLN B 222 41.23 20.57 8.93
C GLN B 222 41.37 20.34 10.43
N LEU B 223 40.26 20.43 11.16
CA LEU B 223 40.30 20.18 12.60
C LEU B 223 40.56 18.69 12.88
N TYR B 224 39.89 17.79 12.15
CA TYR B 224 40.04 16.34 12.35
C TYR B 224 41.53 16.01 12.15
N LYS B 225 41.97 16.56 11.00
CA LYS B 225 43.31 16.46 10.37
C LYS B 225 44.45 16.95 11.28
N LYS B 226 44.25 18.08 11.98
CA LYS B 226 45.24 18.60 12.90
C LYS B 226 45.32 17.82 14.25
N PHE B 227 44.18 17.38 14.79
CA PHE B 227 44.16 16.69 16.09
C PHE B 227 44.18 15.18 16.09
N ASP B 228 43.77 14.56 14.98
CA ASP B 228 43.76 13.11 14.89
C ASP B 228 42.65 12.61 15.81
N LEU B 229 41.43 12.65 15.27
CA LEU B 229 40.22 12.21 15.97
C LEU B 229 39.67 10.99 15.25
N ARG B 230 39.92 10.94 13.95
CA ARG B 230 39.50 9.85 13.08
C ARG B 230 40.48 8.66 13.26
N ALA B 231 41.07 8.60 14.45
CA ALA B 231 42.02 7.54 14.80
C ALA B 231 41.29 6.23 15.09
N ASN B 232 40.13 6.32 15.74
CA ASN B 232 39.40 5.11 16.04
C ASN B 232 37.94 5.06 15.59
N CYS B 233 37.73 5.44 14.34
CA CYS B 233 36.42 5.41 13.71
C CYS B 233 36.69 5.19 12.24
N GLU B 234 35.64 4.94 11.46
CA GLU B 234 35.80 4.76 10.03
C GLU B 234 35.47 6.10 9.42
N PRO B 235 35.94 6.38 8.19
CA PRO B 235 35.64 7.67 7.58
C PRO B 235 34.12 7.85 7.45
N GLN B 236 33.67 9.08 7.30
CA GLN B 236 32.24 9.37 7.18
C GLN B 236 31.81 9.01 5.77
N THR B 237 30.54 8.66 5.61
CA THR B 237 29.99 8.28 4.32
C THR B 237 28.86 9.28 4.09
N TYR B 238 28.78 9.81 2.88
CA TYR B 238 27.75 10.80 2.62
C TYR B 238 26.77 10.49 1.50
N GLY B 239 25.77 11.35 1.44
CA GLY B 239 24.74 11.26 0.42
C GLY B 239 24.43 12.69 0.03
N ILE B 240 23.99 12.88 -1.20
CA ILE B 240 23.62 14.21 -1.69
C ILE B 240 22.12 14.26 -1.80
N GLY B 241 21.52 15.25 -1.16
CA GLY B 241 20.08 15.39 -1.22
C GLY B 241 19.64 16.63 -1.98
N LEU B 242 18.80 16.44 -2.99
CA LEU B 242 18.29 17.56 -3.77
C LEU B 242 16.83 17.75 -3.41
N LYS B 243 16.39 19.00 -3.34
CA LYS B 243 15.01 19.28 -2.96
C LYS B 243 14.35 20.39 -3.75
N GLU B 244 13.03 20.47 -3.63
CA GLU B 244 12.24 21.53 -4.21
C GLU B 244 10.87 21.61 -3.57
N LEU B 245 10.36 22.82 -3.47
CA LEU B 245 9.04 23.06 -2.90
C LEU B 245 8.04 23.21 -4.04
N TRP B 246 6.89 22.57 -3.88
CA TRP B 246 5.87 22.63 -4.91
C TRP B 246 4.56 23.17 -4.39
N VAL B 247 3.77 23.71 -5.31
CA VAL B 247 2.46 24.22 -4.99
C VAL B 247 1.63 23.29 -5.84
N ILE B 248 0.81 22.48 -5.19
CA ILE B 248 0.03 21.50 -5.93
C ILE B 248 -1.45 21.71 -5.79
N ASP B 249 -2.19 21.09 -6.70
CA ASP B 249 -3.64 21.16 -6.70
C ASP B 249 -4.11 20.68 -5.34
N GLU B 250 -4.94 21.48 -4.68
CA GLU B 250 -5.43 21.11 -3.37
C GLU B 250 -6.06 19.72 -3.45
N LYS B 251 -6.78 19.44 -4.55
CA LYS B 251 -7.41 18.14 -4.74
C LYS B 251 -6.49 16.98 -4.38
N LYS B 252 -5.25 17.07 -4.82
CA LYS B 252 -4.26 16.02 -4.58
C LYS B 252 -3.33 16.27 -3.39
N TRP B 253 -3.79 17.07 -2.43
CA TRP B 253 -3.01 17.42 -1.24
C TRP B 253 -3.52 16.70 0.01
N LYS B 254 -2.67 15.87 0.62
CA LYS B 254 -3.02 15.12 1.83
C LYS B 254 -2.20 15.59 3.06
N PRO B 255 -2.53 16.77 3.60
CA PRO B 255 -1.82 17.32 4.76
C PRO B 255 -1.47 16.31 5.85
N GLY B 256 -0.22 16.35 6.28
CA GLY B 256 0.25 15.46 7.33
C GLY B 256 0.83 14.12 6.87
N ARG B 257 0.80 13.88 5.57
CA ARG B 257 1.32 12.63 5.02
C ARG B 257 2.81 12.68 4.65
N VAL B 258 3.52 11.57 4.86
CA VAL B 258 4.94 11.51 4.51
C VAL B 258 5.21 10.27 3.64
N ASP B 259 5.73 10.52 2.43
CA ASP B 259 6.02 9.48 1.45
C ASP B 259 7.50 9.27 1.10
N HIS B 260 7.95 8.05 1.22
CA HIS B 260 9.32 7.72 0.86
C HIS B 260 9.27 6.62 -0.20
N THR B 261 10.29 6.55 -1.06
CA THR B 261 10.37 5.50 -2.08
C THR B 261 11.80 4.98 -2.18
N VAL B 262 11.98 3.90 -2.93
CA VAL B 262 13.28 3.31 -3.18
C VAL B 262 13.13 2.48 -4.44
N GLY B 263 14.23 2.26 -5.16
CA GLY B 263 14.15 1.51 -6.39
C GLY B 263 14.34 2.45 -7.57
N TRP B 264 13.62 2.20 -8.66
CA TRP B 264 13.72 3.05 -9.86
C TRP B 264 13.68 4.51 -9.43
N PRO B 265 14.41 5.40 -10.14
CA PRO B 265 15.33 5.15 -11.26
C PRO B 265 16.73 4.60 -10.98
N LEU B 266 17.11 4.44 -9.72
CA LEU B 266 18.44 3.89 -9.39
C LEU B 266 18.54 2.38 -9.66
N ASP B 267 19.74 1.83 -9.68
CA ASP B 267 19.88 0.38 -9.86
C ASP B 267 19.90 -0.16 -8.43
N ARG B 268 19.97 -1.48 -8.26
CA ARG B 268 19.97 -2.03 -6.90
C ARG B 268 21.26 -1.71 -6.20
N HIS B 269 22.28 -1.39 -6.98
CA HIS B 269 23.58 -1.12 -6.37
C HIS B 269 23.94 0.32 -6.09
N THR B 270 23.06 1.23 -6.46
CA THR B 270 23.26 2.64 -6.19
C THR B 270 22.28 2.92 -5.06
N TYR B 271 22.79 3.49 -3.97
CA TYR B 271 21.96 3.77 -2.81
C TYR B 271 21.21 5.09 -2.95
N GLY B 272 19.94 5.11 -2.54
CA GLY B 272 19.18 6.33 -2.64
C GLY B 272 17.68 6.15 -2.68
N GLY B 273 16.98 7.25 -2.47
CA GLY B 273 15.53 7.23 -2.48
C GLY B 273 14.92 8.62 -2.43
N SER B 274 13.60 8.69 -2.46
CA SER B 274 12.94 9.98 -2.44
C SER B 274 12.09 10.16 -1.21
N PHE B 275 11.73 11.42 -0.96
CA PHE B 275 10.88 11.75 0.16
C PHE B 275 9.88 12.77 -0.37
N LEU B 276 8.67 12.75 0.16
CA LEU B 276 7.64 13.67 -0.27
C LEU B 276 6.80 13.97 0.95
N TYR B 277 6.76 15.22 1.38
CA TYR B 277 6.01 15.59 2.56
C TYR B 277 4.89 16.58 2.30
N HIS B 278 3.78 16.37 2.98
CA HIS B 278 2.61 17.24 2.81
C HIS B 278 2.55 18.25 3.95
N LEU B 279 2.97 19.48 3.67
CA LEU B 279 2.94 20.53 4.68
C LEU B 279 1.52 20.95 5.01
N ASN B 280 1.29 21.22 6.29
CA ASN B 280 -0.01 21.67 6.76
C ASN B 280 0.18 23.09 7.31
N GLU B 281 0.71 23.95 6.45
CA GLU B 281 0.98 25.35 6.78
C GLU B 281 0.19 26.27 5.85
N GLY B 282 -1.11 26.34 6.09
CA GLY B 282 -1.96 27.21 5.28
C GLY B 282 -2.26 26.73 3.88
N GLU B 283 -1.28 26.89 2.98
CA GLU B 283 -1.42 26.51 1.57
C GLU B 283 -1.01 25.07 1.25
N PRO B 284 -1.46 24.55 0.10
CA PRO B 284 -1.12 23.18 -0.31
C PRO B 284 0.24 23.07 -1.01
N LEU B 285 1.31 23.04 -0.22
CA LEU B 285 2.65 22.92 -0.77
C LEU B 285 3.31 21.61 -0.36
N LEU B 286 4.11 21.06 -1.28
CA LEU B 286 4.80 19.79 -1.12
C LEU B 286 6.29 20.00 -0.95
N ALA B 287 6.93 19.08 -0.25
CA ALA B 287 8.37 19.12 -0.08
C ALA B 287 8.81 17.82 -0.76
N LEU B 288 9.40 17.91 -1.93
CA LEU B 288 9.84 16.70 -2.65
C LEU B 288 11.34 16.70 -2.74
N GLY B 289 11.93 15.56 -2.46
CA GLY B 289 13.37 15.48 -2.54
C GLY B 289 13.82 14.12 -2.97
N PHE B 290 15.14 13.99 -3.14
CA PHE B 290 15.74 12.74 -3.55
C PHE B 290 17.08 12.68 -2.86
N VAL B 291 17.67 11.50 -2.82
CA VAL B 291 18.96 11.33 -2.18
C VAL B 291 19.73 10.25 -2.91
N VAL B 292 21.04 10.45 -3.08
CA VAL B 292 21.87 9.43 -3.71
C VAL B 292 23.11 9.26 -2.86
N GLY B 293 23.53 8.03 -2.63
CA GLY B 293 24.72 7.80 -1.85
C GLY B 293 25.93 8.24 -2.65
N LEU B 294 26.81 8.99 -2.01
CA LEU B 294 28.00 9.45 -2.70
C LEU B 294 29.03 8.34 -2.82
N ASP B 295 28.55 7.10 -2.70
CA ASP B 295 29.41 5.93 -2.84
C ASP B 295 28.99 5.18 -4.10
N TYR B 296 28.47 5.92 -5.09
CA TYR B 296 28.04 5.30 -6.35
C TYR B 296 29.23 4.99 -7.25
N GLN B 297 29.07 3.95 -8.07
CA GLN B 297 30.12 3.46 -8.96
C GLN B 297 30.31 4.21 -10.27
N ASN B 298 29.20 4.38 -10.99
CA ASN B 298 29.16 5.00 -12.29
C ASN B 298 29.35 6.51 -12.37
N PRO B 299 30.41 6.96 -13.07
CA PRO B 299 30.70 8.40 -13.24
C PRO B 299 29.65 9.14 -14.06
N TYR B 300 29.01 8.45 -14.99
CA TYR B 300 27.99 9.06 -15.83
C TYR B 300 26.67 9.32 -15.10
N LEU B 301 26.66 9.10 -13.79
CA LEU B 301 25.46 9.30 -12.97
C LEU B 301 25.36 10.75 -12.47
N SER B 302 24.15 11.30 -12.58
CA SER B 302 23.87 12.68 -12.17
C SER B 302 22.77 12.73 -11.12
N PRO B 303 23.14 12.93 -9.84
CA PRO B 303 22.19 13.01 -8.73
C PRO B 303 21.04 13.98 -8.97
N PHE B 304 21.25 14.94 -9.86
CA PHE B 304 20.24 15.93 -10.17
C PHE B 304 19.27 15.40 -11.21
N ARG B 305 19.84 14.87 -12.28
CA ARG B 305 19.05 14.35 -13.38
C ARG B 305 18.21 13.15 -12.95
N GLU B 306 18.67 12.40 -11.94
CA GLU B 306 17.89 11.25 -11.47
C GLU B 306 16.68 11.80 -10.73
N PHE B 307 16.92 12.89 -9.98
CA PHE B 307 15.88 13.53 -9.20
C PHE B 307 14.77 14.06 -10.09
N GLN B 308 15.17 14.65 -11.22
CA GLN B 308 14.20 15.19 -12.15
C GLN B 308 13.54 14.01 -12.87
N ARG B 309 14.32 12.98 -13.14
CA ARG B 309 13.81 11.81 -13.82
C ARG B 309 12.72 11.11 -12.99
N TRP B 310 12.93 11.08 -11.68
CA TRP B 310 12.03 10.43 -10.72
C TRP B 310 10.59 10.94 -10.72
N LYS B 311 10.43 12.26 -10.71
CA LYS B 311 9.11 12.86 -10.69
C LYS B 311 8.18 12.41 -11.83
N HIS B 312 8.73 11.79 -12.85
CA HIS B 312 7.91 11.35 -13.97
C HIS B 312 7.26 10.01 -13.72
N HIS B 313 7.71 9.29 -12.69
CA HIS B 313 7.11 8.01 -12.42
C HIS B 313 5.60 8.18 -12.32
N PRO B 314 4.86 7.32 -13.03
CA PRO B 314 3.40 7.37 -13.04
C PRO B 314 2.70 7.52 -11.70
N SER B 315 3.35 7.13 -10.61
CA SER B 315 2.70 7.23 -9.30
C SER B 315 2.98 8.54 -8.58
N ILE B 316 3.90 9.34 -9.10
CA ILE B 316 4.22 10.59 -8.46
C ILE B 316 3.93 11.76 -9.38
N LYS B 317 3.79 11.47 -10.67
CA LYS B 317 3.53 12.52 -11.64
C LYS B 317 2.21 13.26 -11.44
N PRO B 318 1.09 12.53 -11.34
CA PRO B 318 -0.22 13.15 -11.14
C PRO B 318 -0.26 14.00 -9.89
N THR B 319 0.33 13.48 -8.81
CA THR B 319 0.34 14.22 -7.55
C THR B 319 0.74 15.67 -7.75
N LEU B 320 1.56 15.95 -8.75
CA LEU B 320 1.96 17.33 -9.05
C LEU B 320 1.68 17.76 -10.49
N GLU B 321 1.05 16.86 -11.24
CA GLU B 321 0.65 17.14 -12.62
C GLU B 321 -0.20 18.40 -12.40
N GLY B 322 0.20 19.49 -13.04
CA GLY B 322 -0.55 20.73 -12.87
C GLY B 322 -0.10 21.65 -11.73
N GLY B 323 1.06 21.38 -11.13
CA GLY B 323 1.51 22.22 -10.03
C GLY B 323 2.50 23.30 -10.46
N LYS B 324 3.12 23.97 -9.49
CA LYS B 324 4.10 25.00 -9.80
C LYS B 324 5.30 24.90 -8.87
N ARG B 325 6.47 24.61 -9.44
CA ARG B 325 7.72 24.48 -8.68
C ARG B 325 8.24 25.85 -8.24
N ILE B 326 8.33 26.06 -6.93
CA ILE B 326 8.73 27.35 -6.43
C ILE B 326 10.06 27.45 -5.69
N ALA B 327 10.83 26.36 -5.65
CA ALA B 327 12.11 26.41 -4.96
C ALA B 327 12.93 25.15 -5.21
N TYR B 328 14.24 25.27 -5.09
CA TYR B 328 15.15 24.14 -5.32
C TYR B 328 16.43 24.35 -4.51
N GLY B 329 17.09 23.25 -4.16
CA GLY B 329 18.30 23.36 -3.37
C GLY B 329 18.92 22.00 -3.17
N ALA B 330 20.12 21.99 -2.59
CA ALA B 330 20.84 20.75 -2.38
C ALA B 330 21.85 20.86 -1.23
N ARG B 331 21.97 19.77 -0.47
CA ARG B 331 22.92 19.70 0.63
C ARG B 331 23.33 18.25 0.80
N ALA B 332 24.49 18.06 1.41
CA ALA B 332 24.99 16.72 1.65
C ALA B 332 24.49 16.32 3.04
N LEU B 333 24.45 15.01 3.30
CA LEU B 333 24.00 14.48 4.57
C LEU B 333 24.90 13.32 4.88
N ASN B 334 25.10 13.07 6.16
CA ASN B 334 25.97 11.98 6.56
C ASN B 334 25.18 10.70 6.64
N GLU B 335 25.65 9.65 5.99
CA GLU B 335 24.96 8.38 6.12
C GLU B 335 25.92 7.33 6.63
N GLY B 336 26.93 7.78 7.38
CA GLY B 336 27.94 6.88 7.93
C GLY B 336 27.47 6.27 9.24
N GLY B 337 26.70 7.03 9.99
CA GLY B 337 26.18 6.54 11.24
C GLY B 337 27.15 6.37 12.38
N PHE B 338 26.79 5.43 13.26
CA PHE B 338 27.54 5.11 14.46
C PHE B 338 29.04 4.90 14.27
N GLN B 339 29.41 4.16 13.24
CA GLN B 339 30.79 3.83 12.96
C GLN B 339 31.68 4.99 12.58
N SER B 340 31.08 6.05 12.06
CA SER B 340 31.88 7.20 11.64
C SER B 340 31.93 8.34 12.64
N ILE B 341 31.52 8.09 13.88
CA ILE B 341 31.56 9.13 14.88
C ILE B 341 32.98 9.22 15.43
N PRO B 342 33.66 10.34 15.16
CA PRO B 342 35.03 10.63 15.58
C PRO B 342 35.11 11.10 17.04
N LYS B 343 36.27 11.61 17.46
CA LYS B 343 36.37 12.13 18.81
C LYS B 343 35.82 13.54 18.68
N LEU B 344 34.98 13.95 19.63
CA LEU B 344 34.39 15.30 19.56
C LEU B 344 35.05 16.31 20.47
N THR B 345 35.99 15.84 21.26
CA THR B 345 36.69 16.71 22.20
C THR B 345 38.14 17.04 21.89
N PHE B 346 38.46 18.33 21.89
CA PHE B 346 39.81 18.81 21.68
C PHE B 346 39.95 20.08 22.51
N PRO B 347 41.15 20.35 23.05
CA PRO B 347 41.31 21.56 23.86
C PRO B 347 41.01 22.86 23.12
N GLY B 348 39.94 23.54 23.55
CA GLY B 348 39.52 24.81 22.94
C GLY B 348 38.12 24.81 22.36
N GLY B 349 37.61 23.63 22.06
CA GLY B 349 36.27 23.56 21.50
C GLY B 349 35.87 22.14 21.22
N LEU B 350 34.59 21.94 20.91
CA LEU B 350 34.10 20.62 20.60
C LEU B 350 33.24 20.66 19.33
N LEU B 351 32.82 19.48 18.87
CA LEU B 351 32.00 19.38 17.67
C LEU B 351 30.60 19.00 18.14
N ILE B 352 29.62 19.18 17.25
CA ILE B 352 28.21 18.85 17.51
C ILE B 352 27.42 19.01 16.22
N GLY B 353 26.28 18.33 16.14
CA GLY B 353 25.46 18.41 14.96
C GLY B 353 25.96 17.41 13.95
N CYS B 354 25.66 17.65 12.68
CA CYS B 354 26.11 16.70 11.69
C CYS B 354 27.52 16.85 11.17
N SER B 355 28.31 17.78 11.71
CA SER B 355 29.69 17.88 11.23
C SER B 355 30.39 16.64 11.78
N PRO B 356 30.18 16.40 13.08
CA PRO B 356 30.84 15.20 13.62
C PRO B 356 30.15 14.04 12.90
N GLY B 357 28.83 14.09 12.97
CA GLY B 357 27.98 13.09 12.35
C GLY B 357 27.11 12.29 13.31
N PHE B 358 25.87 12.73 13.48
CA PHE B 358 24.91 12.07 14.36
C PHE B 358 23.62 11.75 13.61
N MET B 359 23.78 11.34 12.36
CA MET B 359 22.63 11.04 11.52
C MET B 359 22.02 9.65 11.72
N ASN B 360 20.69 9.59 11.76
CA ASN B 360 19.97 8.34 11.88
C ASN B 360 19.64 8.05 10.42
N VAL B 361 20.57 7.38 9.72
CA VAL B 361 20.43 7.10 8.30
C VAL B 361 19.17 6.40 7.79
N PRO B 362 18.66 5.43 8.55
CA PRO B 362 17.45 4.76 8.04
C PRO B 362 16.17 5.54 8.28
N LYS B 363 16.14 6.31 9.36
CA LYS B 363 14.98 7.12 9.67
C LYS B 363 15.20 8.49 9.02
N ILE B 364 16.39 8.69 8.45
CA ILE B 364 16.81 9.93 7.78
C ILE B 364 16.67 11.16 8.68
N LYS B 365 16.62 10.90 9.98
CA LYS B 365 16.50 11.91 11.03
C LYS B 365 17.89 12.21 11.63
N GLY B 366 18.30 13.48 11.61
CA GLY B 366 19.59 13.84 12.16
C GLY B 366 19.48 15.06 13.04
N THR B 367 18.41 15.81 12.79
CA THR B 367 18.10 17.07 13.46
C THR B 367 17.93 17.02 14.98
N HIS B 368 17.16 16.07 15.48
CA HIS B 368 16.95 15.95 16.93
C HIS B 368 18.23 15.54 17.64
N THR B 369 19.02 14.68 17.00
CA THR B 369 20.26 14.23 17.63
C THR B 369 21.25 15.39 17.72
N ALA B 370 21.19 16.30 16.75
CA ALA B 370 22.08 17.47 16.71
C ALA B 370 21.70 18.44 17.82
N MET B 371 20.40 18.65 18.00
CA MET B 371 19.91 19.56 19.03
C MET B 371 20.36 19.05 20.38
N LYS B 372 20.19 17.75 20.61
CA LYS B 372 20.60 17.18 21.89
C LYS B 372 22.09 17.37 22.09
N SER B 373 22.89 17.06 21.06
CA SER B 373 24.33 17.22 21.16
C SER B 373 24.62 18.64 21.57
N GLY B 374 23.89 19.59 20.97
CA GLY B 374 24.08 20.98 21.34
C GLY B 374 23.69 21.17 22.79
N THR B 375 22.49 20.73 23.13
CA THR B 375 21.97 20.84 24.49
C THR B 375 22.94 20.28 25.52
N LEU B 376 23.47 19.09 25.25
CA LEU B 376 24.42 18.43 26.14
C LEU B 376 25.74 19.18 26.24
N ALA B 377 26.21 19.63 25.08
CA ALA B 377 27.49 20.35 24.99
C ALA B 377 27.44 21.63 25.81
N ALA B 378 26.39 22.41 25.61
CA ALA B 378 26.22 23.67 26.34
C ALA B 378 26.20 23.41 27.83
N GLU B 379 25.52 22.34 28.23
CA GLU B 379 25.41 21.97 29.63
C GLU B 379 26.72 21.77 30.36
N SER B 380 27.66 21.06 29.74
CA SER B 380 28.93 20.83 30.41
C SER B 380 29.91 21.98 30.26
N ILE B 381 29.80 22.73 29.17
CA ILE B 381 30.68 23.88 29.02
C ILE B 381 30.40 24.74 30.26
N PHE B 382 29.13 24.94 30.54
CA PHE B 382 28.69 25.73 31.70
C PHE B 382 29.09 25.09 33.03
N ASN B 383 28.73 23.83 33.20
CA ASN B 383 29.03 23.11 34.44
C ASN B 383 30.50 23.23 34.81
N GLN B 384 31.36 23.31 33.80
CA GLN B 384 32.79 23.40 34.05
C GLN B 384 33.32 24.83 34.27
N LEU B 385 32.65 25.79 33.68
CA LEU B 385 33.05 27.19 33.81
C LEU B 385 32.66 27.70 35.21
N THR B 386 31.81 26.92 35.89
CA THR B 386 31.32 27.28 37.22
C THR B 386 31.80 26.48 38.45
N SER B 387 32.84 25.67 38.30
CA SER B 387 33.33 24.91 39.45
C SER B 387 34.53 25.66 39.99
N GLU B 388 35.23 26.29 39.05
CA GLU B 388 36.42 27.09 39.30
C GLU B 388 37.60 26.29 39.83
N ASN B 389 37.77 25.08 39.31
CA ASN B 389 38.93 24.28 39.71
C ASN B 389 39.77 24.25 38.42
N LEU B 390 41.06 23.94 38.55
CA LEU B 390 41.94 23.95 37.38
C LEU B 390 41.84 22.88 36.34
N GLN B 391 42.05 23.31 35.11
CA GLN B 391 42.01 22.37 34.03
C GLN B 391 42.79 22.99 32.90
N SER B 392 43.04 22.17 31.90
CA SER B 392 43.75 22.56 30.71
C SER B 392 45.25 22.69 30.91
N LYS B 393 45.72 23.81 30.44
CA LYS B 393 47.10 24.23 30.36
C LYS B 393 47.18 23.87 28.94
N THR B 394 46.34 24.65 28.29
CA THR B 394 46.06 24.67 26.88
C THR B 394 45.19 25.93 26.83
N ILE B 395 44.97 26.55 28.00
CA ILE B 395 44.14 27.75 28.16
C ILE B 395 42.81 27.66 27.39
N GLY B 396 42.87 27.01 26.23
CA GLY B 396 41.68 26.75 25.46
C GLY B 396 41.15 25.59 26.29
N LEU B 397 39.85 25.50 26.47
CA LEU B 397 39.31 24.46 27.32
C LEU B 397 38.90 23.18 26.61
N HIS B 398 39.35 22.06 27.17
CA HIS B 398 39.03 20.76 26.61
C HIS B 398 38.00 20.14 27.56
N VAL B 399 36.72 20.25 27.20
CA VAL B 399 35.64 19.72 28.04
C VAL B 399 35.39 18.24 27.79
N THR B 400 35.85 17.42 28.73
CA THR B 400 35.74 15.98 28.60
C THR B 400 34.47 15.33 29.15
N GLU B 401 33.53 16.11 29.65
CA GLU B 401 32.31 15.52 30.19
C GLU B 401 31.33 15.45 29.03
N TYR B 402 31.46 16.38 28.10
CA TYR B 402 30.59 16.41 26.93
C TYR B 402 30.58 15.05 26.25
N GLU B 403 31.77 14.57 25.93
CA GLU B 403 31.92 13.27 25.27
C GLU B 403 31.31 12.16 26.11
N ASP B 404 31.64 12.16 27.39
CA ASP B 404 31.14 11.15 28.31
C ASP B 404 29.61 11.17 28.38
N ASN B 405 29.04 12.28 28.83
CA ASN B 405 27.58 12.41 28.95
C ASN B 405 26.84 12.10 27.65
N LEU B 406 27.51 12.29 26.50
CA LEU B 406 26.89 12.02 25.21
C LEU B 406 26.86 10.51 24.91
N LYS B 407 27.98 9.83 25.14
CA LYS B 407 28.05 8.39 24.93
C LYS B 407 27.14 7.71 25.92
N ASN B 408 26.50 8.51 26.77
CA ASN B 408 25.61 8.01 27.82
C ASN B 408 24.18 8.46 27.60
N SER B 409 23.95 9.30 26.60
CA SER B 409 22.60 9.82 26.32
C SER B 409 21.83 8.95 25.35
N TRP B 410 20.55 9.25 25.13
CA TRP B 410 19.81 8.41 24.21
C TRP B 410 20.39 8.43 22.81
N VAL B 411 21.16 9.47 22.50
CA VAL B 411 21.78 9.59 21.19
C VAL B 411 22.73 8.44 20.83
N TRP B 412 23.48 7.96 21.82
CA TRP B 412 24.42 6.87 21.60
C TRP B 412 23.68 5.64 21.10
N LYS B 413 22.73 5.18 21.91
CA LYS B 413 21.95 3.99 21.57
C LYS B 413 21.18 4.10 20.27
N GLU B 414 20.47 5.21 20.08
CA GLU B 414 19.70 5.38 18.86
C GLU B 414 20.56 5.12 17.65
N LEU B 415 21.75 5.73 17.62
CA LEU B 415 22.62 5.51 16.49
C LEU B 415 23.21 4.11 16.48
N TYR B 416 23.39 3.53 17.66
CA TYR B 416 23.96 2.18 17.74
C TYR B 416 22.98 1.18 17.17
N SER B 417 21.74 1.21 17.68
CA SER B 417 20.72 0.29 17.22
C SER B 417 20.62 0.14 15.71
N VAL B 418 20.66 1.24 14.98
CA VAL B 418 20.54 1.17 13.51
C VAL B 418 21.88 1.17 12.75
N ARG B 419 22.97 0.99 13.50
CA ARG B 419 24.33 1.01 12.95
C ARG B 419 24.56 0.17 11.71
N ASN B 420 23.94 -0.99 11.67
CA ASN B 420 24.15 -1.94 10.57
C ASN B 420 23.24 -1.88 9.37
N ILE B 421 22.28 -0.98 9.38
CA ILE B 421 21.38 -0.93 8.24
C ILE B 421 22.04 -0.45 6.96
N ARG B 422 22.66 0.72 6.95
CA ARG B 422 23.30 1.18 5.71
C ARG B 422 24.37 0.22 5.19
N PRO B 423 25.37 -0.11 6.02
CA PRO B 423 26.39 -1.01 5.51
C PRO B 423 25.86 -2.31 4.95
N SER B 424 24.68 -2.73 5.38
CA SER B 424 24.13 -3.99 4.89
C SER B 424 23.63 -3.90 3.46
N CYS B 425 23.65 -2.71 2.87
CA CYS B 425 23.21 -2.56 1.49
C CYS B 425 24.35 -2.93 0.57
N HIS B 426 25.49 -3.26 1.16
CA HIS B 426 26.68 -3.64 0.41
C HIS B 426 26.69 -5.14 0.24
N GLY B 427 25.90 -5.61 -0.70
CA GLY B 427 25.83 -7.03 -0.94
C GLY B 427 25.32 -7.28 -2.33
N ILE B 428 25.24 -8.55 -2.70
CA ILE B 428 24.80 -8.93 -4.02
C ILE B 428 23.37 -8.45 -4.32
N LEU B 429 22.57 -8.22 -3.28
CA LEU B 429 21.20 -7.77 -3.50
C LEU B 429 21.03 -6.27 -3.35
N GLY B 430 22.15 -5.57 -3.27
CA GLY B 430 22.12 -4.13 -3.14
C GLY B 430 21.23 -3.61 -2.03
N VAL B 431 20.39 -2.65 -2.37
CA VAL B 431 19.48 -2.00 -1.43
C VAL B 431 18.38 -2.94 -0.96
N TYR B 432 17.93 -3.80 -1.86
CA TYR B 432 16.88 -4.75 -1.51
C TYR B 432 17.41 -5.67 -0.43
N GLY B 433 18.70 -5.97 -0.50
CA GLY B 433 19.30 -6.81 0.51
C GLY B 433 19.31 -6.04 1.82
N GLY B 434 19.48 -4.73 1.71
CA GLY B 434 19.50 -3.88 2.89
C GLY B 434 18.18 -3.97 3.63
N MET B 435 17.09 -4.08 2.88
CA MET B 435 15.74 -4.17 3.43
C MET B 435 15.49 -5.50 4.12
N ILE B 436 15.98 -6.59 3.54
CA ILE B 436 15.78 -7.89 4.13
C ILE B 436 16.48 -7.85 5.47
N TYR B 437 17.72 -7.37 5.46
CA TYR B 437 18.50 -7.27 6.68
C TYR B 437 17.70 -6.48 7.70
N THR B 438 17.09 -5.39 7.24
CA THR B 438 16.31 -4.53 8.11
C THR B 438 15.07 -5.20 8.68
N GLY B 439 14.48 -6.13 7.92
CA GLY B 439 13.29 -6.86 8.36
C GLY B 439 13.57 -8.14 9.15
N ILE B 440 14.84 -8.34 9.52
CA ILE B 440 15.28 -9.49 10.31
C ILE B 440 15.93 -9.02 11.58
N PHE B 441 17.19 -8.62 11.45
CA PHE B 441 18.01 -8.16 12.56
C PHE B 441 17.57 -6.88 13.23
N TYR B 442 16.48 -6.27 12.75
CA TYR B 442 16.05 -5.05 13.40
C TYR B 442 14.58 -5.08 13.79
N TRP B 443 13.72 -5.62 12.92
CA TRP B 443 12.31 -5.69 13.29
C TRP B 443 12.21 -6.68 14.43
N ILE B 444 12.77 -7.85 14.20
CA ILE B 444 12.75 -8.92 15.17
C ILE B 444 13.78 -8.78 16.28
N PHE B 445 15.01 -8.38 15.94
CA PHE B 445 16.07 -8.29 16.94
C PHE B 445 16.49 -6.91 17.42
N ARG B 446 15.82 -5.87 16.93
CA ARG B 446 16.14 -4.52 17.35
C ARG B 446 17.63 -4.23 17.23
N GLY B 447 18.23 -4.69 16.14
CA GLY B 447 19.65 -4.48 15.91
C GLY B 447 20.58 -4.78 17.07
N MET B 448 20.24 -5.81 17.85
CA MET B 448 21.08 -6.18 18.99
C MET B 448 22.05 -7.32 18.73
N GLU B 449 22.32 -7.56 17.45
CA GLU B 449 23.25 -8.61 17.02
C GLU B 449 24.61 -8.27 17.66
N PRO B 450 25.41 -9.28 18.04
CA PRO B 450 26.70 -8.99 18.65
C PRO B 450 27.84 -8.57 17.72
N TRP B 451 27.55 -7.81 16.68
CA TRP B 451 28.61 -7.39 15.76
C TRP B 451 28.18 -6.13 15.05
N THR B 452 29.10 -5.46 14.40
CA THR B 452 28.73 -4.28 13.65
C THR B 452 29.53 -4.34 12.36
N LEU B 453 28.85 -4.06 11.26
CA LEU B 453 29.44 -4.12 9.93
C LEU B 453 30.31 -2.92 9.64
N LYS B 454 30.93 -2.91 8.47
CA LYS B 454 31.80 -1.82 8.09
C LYS B 454 31.36 -1.24 6.74
N HIS B 455 31.90 -0.06 6.42
CA HIS B 455 31.55 0.62 5.18
C HIS B 455 32.52 0.28 4.05
N LYS B 456 32.07 0.43 2.81
CA LYS B 456 32.90 0.13 1.63
C LYS B 456 34.25 0.82 1.76
N GLY B 457 34.23 1.94 2.47
CA GLY B 457 35.45 2.72 2.66
C GLY B 457 35.09 4.16 2.34
N SER B 458 35.99 4.88 1.70
CA SER B 458 35.75 6.28 1.35
C SER B 458 34.88 6.44 0.10
N ASP B 459 33.97 7.43 0.11
CA ASP B 459 33.10 7.66 -1.04
C ASP B 459 33.95 8.06 -2.25
N SER B 460 35.02 8.82 -1.96
CA SER B 460 35.93 9.31 -3.00
C SER B 460 36.46 8.23 -3.91
N ASP B 461 37.09 7.20 -3.34
CA ASP B 461 37.65 6.12 -4.16
C ASP B 461 36.70 5.00 -4.50
N GLN B 462 35.44 5.35 -4.76
CA GLN B 462 34.44 4.34 -5.10
C GLN B 462 34.08 4.36 -6.58
N LEU B 463 34.46 5.42 -7.27
CA LEU B 463 34.16 5.58 -8.70
C LEU B 463 34.95 4.67 -9.62
N LYS B 464 34.32 4.25 -10.71
CA LYS B 464 34.97 3.39 -11.69
C LYS B 464 35.38 4.21 -12.90
N PRO B 465 36.26 3.66 -13.75
CA PRO B 465 36.68 4.41 -14.94
C PRO B 465 35.56 4.38 -15.99
N ALA B 466 35.31 5.54 -16.58
CA ALA B 466 34.25 5.69 -17.59
C ALA B 466 34.35 4.65 -18.70
N LYS B 467 35.56 4.20 -18.98
CA LYS B 467 35.77 3.22 -20.04
C LYS B 467 35.21 1.83 -19.72
N ASP B 468 34.92 1.59 -18.45
CA ASP B 468 34.38 0.31 -18.01
C ASP B 468 32.85 0.37 -17.88
N CYS B 469 32.33 1.56 -17.54
CA CYS B 469 30.89 1.78 -17.37
C CYS B 469 30.16 2.05 -18.68
N THR B 470 28.87 2.35 -18.58
CA THR B 470 28.05 2.64 -19.74
C THR B 470 27.27 3.90 -19.45
N PRO B 471 27.30 4.89 -20.36
CA PRO B 471 26.58 6.15 -20.14
C PRO B 471 25.10 5.92 -19.83
N ILE B 472 24.49 6.87 -19.14
CA ILE B 472 23.09 6.77 -18.78
C ILE B 472 22.32 7.79 -19.63
N GLU B 473 21.37 7.31 -20.44
CA GLU B 473 20.58 8.18 -21.32
C GLU B 473 19.50 8.96 -20.58
N TYR B 474 19.87 10.02 -19.85
CA TYR B 474 18.85 10.81 -19.15
C TYR B 474 17.90 11.47 -20.16
N PRO B 475 16.62 11.68 -19.78
CA PRO B 475 15.67 12.32 -20.70
C PRO B 475 15.76 13.84 -20.65
N LYS B 476 15.10 14.51 -21.59
CA LYS B 476 15.13 15.97 -21.61
C LYS B 476 13.99 16.55 -20.78
N PRO B 477 14.31 17.43 -19.82
CA PRO B 477 13.31 18.07 -18.95
C PRO B 477 12.13 18.63 -19.73
N ASP B 478 10.93 18.63 -19.15
CA ASP B 478 9.77 19.13 -19.89
C ASP B 478 9.28 20.52 -19.46
N GLY B 479 10.04 21.17 -18.58
CA GLY B 479 9.70 22.50 -18.13
C GLY B 479 8.46 22.59 -17.25
N GLN B 480 7.67 21.52 -17.25
CA GLN B 480 6.44 21.48 -16.46
C GLN B 480 6.62 20.67 -15.19
N ILE B 481 7.32 19.56 -15.32
CA ILE B 481 7.56 18.65 -14.21
C ILE B 481 9.04 18.50 -13.92
N SER B 482 9.82 18.28 -14.98
CA SER B 482 11.26 18.14 -14.88
C SER B 482 11.89 19.39 -15.52
N PHE B 483 12.75 20.08 -14.79
CA PHE B 483 13.39 21.27 -15.32
C PHE B 483 14.87 21.04 -15.62
N ASP B 484 15.63 22.11 -15.75
CA ASP B 484 17.06 22.00 -16.05
C ASP B 484 17.91 22.65 -14.97
N LEU B 485 19.23 22.52 -15.14
CA LEU B 485 20.21 23.04 -14.19
C LEU B 485 20.13 24.53 -13.90
N LEU B 486 20.05 25.35 -14.95
CA LEU B 486 19.99 26.80 -14.77
C LEU B 486 18.68 27.21 -14.15
N SER B 487 17.59 26.70 -14.73
CA SER B 487 16.26 26.96 -14.24
C SER B 487 16.24 26.70 -12.73
N SER B 488 16.74 25.52 -12.35
CA SER B 488 16.78 25.11 -10.96
C SER B 488 17.59 26.05 -10.08
N VAL B 489 18.87 26.22 -10.40
CA VAL B 489 19.72 27.11 -9.62
C VAL B 489 19.02 28.44 -9.41
N ALA B 490 18.44 28.95 -10.50
CA ALA B 490 17.73 30.23 -10.48
C ALA B 490 16.86 30.37 -9.23
N LEU B 491 16.23 29.26 -8.82
CA LEU B 491 15.34 29.27 -7.66
C LEU B 491 16.02 29.13 -6.32
N SER B 492 17.34 29.13 -6.30
CA SER B 492 18.06 29.00 -5.03
C SER B 492 18.40 30.35 -4.39
N GLY B 493 18.42 31.42 -5.18
CA GLY B 493 18.73 32.75 -4.65
C GLY B 493 20.22 32.91 -4.44
N THR B 494 20.97 31.91 -4.86
CA THR B 494 22.40 31.95 -4.73
C THR B 494 23.01 32.87 -5.76
N ASN B 495 23.79 33.83 -5.25
CA ASN B 495 24.54 34.78 -6.04
C ASN B 495 25.56 35.32 -5.07
N HIS B 496 26.80 35.42 -5.51
CA HIS B 496 27.87 35.90 -4.67
C HIS B 496 28.50 37.02 -5.46
N GLU B 497 29.49 37.69 -4.88
CA GLU B 497 30.14 38.72 -5.65
C GLU B 497 31.01 37.95 -6.58
N HIS B 498 30.93 38.27 -7.86
CA HIS B 498 31.73 37.54 -8.83
C HIS B 498 33.21 37.86 -8.76
N ASP B 499 33.54 39.10 -8.45
CA ASP B 499 34.94 39.51 -8.35
C ASP B 499 35.51 38.99 -7.03
N GLN B 500 35.87 37.71 -6.98
CA GLN B 500 36.37 37.17 -5.73
C GLN B 500 37.13 35.86 -5.88
N PRO B 501 38.09 35.58 -4.97
CA PRO B 501 38.86 34.33 -5.04
C PRO B 501 37.89 33.16 -4.88
N ALA B 502 37.89 32.27 -5.87
CA ALA B 502 37.00 31.10 -5.85
C ALA B 502 37.16 30.28 -4.57
N HIS B 503 36.04 29.92 -3.95
CA HIS B 503 36.07 29.13 -2.73
C HIS B 503 36.15 27.65 -3.07
N LEU B 504 36.24 27.36 -4.36
CA LEU B 504 36.36 25.98 -4.81
C LEU B 504 37.81 25.75 -5.19
N THR B 505 38.68 25.81 -4.18
CA THR B 505 40.11 25.64 -4.34
C THR B 505 40.59 24.25 -4.74
N LEU B 506 41.51 24.20 -5.70
CA LEU B 506 42.11 22.95 -6.18
C LEU B 506 43.54 22.95 -5.70
N LYS B 507 44.11 21.77 -5.46
CA LYS B 507 45.49 21.70 -4.99
C LYS B 507 46.47 21.55 -6.15
N ASP B 508 45.96 21.02 -7.26
CA ASP B 508 46.75 20.79 -8.46
C ASP B 508 45.78 21.14 -9.58
N ASP B 509 46.09 22.16 -10.35
CA ASP B 509 45.18 22.58 -11.41
C ASP B 509 45.25 21.76 -12.70
N SER B 510 46.10 20.74 -12.71
CA SER B 510 46.24 19.91 -13.91
C SER B 510 45.36 18.67 -13.88
N VAL B 511 45.16 18.14 -12.68
CA VAL B 511 44.37 16.92 -12.48
C VAL B 511 42.96 16.99 -13.04
N PRO B 512 42.21 18.02 -12.68
CA PRO B 512 40.84 18.10 -13.19
C PRO B 512 40.73 17.62 -14.62
N VAL B 513 41.64 18.07 -15.45
CA VAL B 513 41.63 17.69 -16.85
C VAL B 513 42.63 16.59 -17.19
N ASN B 514 43.73 16.55 -16.44
CA ASN B 514 44.76 15.54 -16.66
C ASN B 514 44.33 14.14 -16.22
N ARG B 515 43.50 14.07 -15.18
CA ARG B 515 43.02 12.80 -14.67
C ARG B 515 41.50 12.65 -14.68
N ASN B 516 40.82 13.50 -13.91
CA ASN B 516 39.36 13.46 -13.80
C ASN B 516 38.67 13.29 -15.13
N LEU B 517 38.71 14.32 -15.96
CA LEU B 517 38.06 14.29 -17.25
C LEU B 517 38.60 13.18 -18.15
N SER B 518 39.88 12.89 -18.00
CA SER B 518 40.55 11.87 -18.79
C SER B 518 40.06 10.43 -18.60
N ILE B 519 40.05 9.99 -17.35
CA ILE B 519 39.65 8.62 -16.99
C ILE B 519 38.17 8.49 -16.62
N TYR B 520 37.65 9.52 -15.97
CA TYR B 520 36.27 9.57 -15.49
C TYR B 520 35.32 10.40 -16.37
N ASP B 521 35.79 10.82 -17.53
CA ASP B 521 35.01 11.63 -18.45
C ASP B 521 34.46 12.89 -17.79
N GLY B 522 35.11 13.31 -16.72
CA GLY B 522 34.70 14.52 -16.00
C GLY B 522 33.51 14.44 -15.07
N PRO B 523 33.67 13.84 -13.89
CA PRO B 523 32.56 13.73 -12.92
C PRO B 523 32.06 15.06 -12.37
N GLU B 524 32.98 16.00 -12.12
CA GLU B 524 32.63 17.30 -11.56
C GLU B 524 31.49 18.06 -12.22
N GLN B 525 31.16 17.69 -13.45
CA GLN B 525 30.06 18.35 -14.16
C GLN B 525 28.73 17.61 -14.02
N ARG B 526 28.72 16.57 -13.20
CA ARG B 526 27.51 15.76 -13.00
C ARG B 526 27.10 15.84 -11.55
N PHE B 527 27.99 15.49 -10.62
CA PHE B 527 27.61 15.55 -9.22
C PHE B 527 27.48 16.95 -8.65
N CYS B 528 27.67 17.95 -9.49
CA CYS B 528 27.54 19.31 -9.02
C CYS B 528 26.08 19.70 -9.26
N PRO B 529 25.30 19.88 -8.19
CA PRO B 529 23.89 20.25 -8.33
C PRO B 529 23.65 21.69 -8.81
N ALA B 530 24.71 22.43 -9.12
CA ALA B 530 24.53 23.83 -9.54
C ALA B 530 25.30 24.31 -10.78
N GLY B 531 25.65 23.38 -11.69
CA GLY B 531 26.33 23.74 -12.93
C GLY B 531 27.81 24.13 -12.87
N VAL B 532 28.25 24.64 -11.72
CA VAL B 532 29.62 25.09 -11.47
C VAL B 532 30.81 24.60 -12.32
N TYR B 533 30.99 23.29 -12.45
CA TYR B 533 32.13 22.83 -13.23
C TYR B 533 31.69 22.52 -14.64
N GLU B 534 32.33 23.19 -15.58
CA GLU B 534 32.07 23.06 -17.00
C GLU B 534 33.39 22.77 -17.69
N PHE B 535 33.38 21.88 -18.68
CA PHE B 535 34.63 21.56 -19.37
C PHE B 535 34.68 22.07 -20.79
N VAL B 536 35.38 23.18 -20.90
CA VAL B 536 35.61 23.99 -22.10
C VAL B 536 36.52 23.47 -23.22
N PRO B 537 36.00 23.45 -24.46
CA PRO B 537 36.55 23.02 -25.76
C PRO B 537 37.93 23.48 -26.23
N LEU B 538 38.58 24.36 -25.47
CA LEU B 538 39.91 24.86 -25.82
C LEU B 538 40.10 25.42 -27.24
N GLU B 539 40.41 26.71 -27.26
CA GLU B 539 40.64 27.55 -28.45
C GLU B 539 41.49 27.04 -29.63
N GLN B 540 42.29 26.01 -29.45
CA GLN B 540 43.12 25.51 -30.55
C GLN B 540 43.10 24.02 -30.85
N GLY B 541 43.45 23.19 -29.87
CA GLY B 541 43.45 21.76 -30.12
C GLY B 541 42.17 21.00 -29.87
N ASP B 542 41.02 21.68 -29.96
CA ASP B 542 39.72 21.03 -29.71
C ASP B 542 39.93 20.15 -28.45
N GLY B 543 40.74 20.65 -27.50
CA GLY B 543 41.06 19.89 -26.29
C GLY B 543 41.11 20.51 -24.90
N PHE B 544 39.91 20.66 -24.33
CA PHE B 544 39.52 21.20 -23.01
C PHE B 544 40.36 21.65 -21.80
N ARG B 545 39.73 22.56 -21.03
CA ARG B 545 40.24 23.16 -19.80
C ARG B 545 39.10 23.18 -18.74
N LEU B 546 39.43 23.39 -17.46
CA LEU B 546 38.43 23.38 -16.39
C LEU B 546 38.02 24.77 -15.87
N GLN B 547 36.76 25.15 -16.15
CA GLN B 547 36.23 26.44 -15.74
C GLN B 547 35.27 26.39 -14.54
N ILE B 548 35.62 27.12 -13.48
CA ILE B 548 34.80 27.18 -12.28
C ILE B 548 33.91 28.42 -12.22
N ASN B 549 32.60 28.20 -12.23
CA ASN B 549 31.65 29.30 -12.11
C ASN B 549 31.28 29.19 -10.64
N ALA B 550 32.14 29.72 -9.77
CA ALA B 550 31.92 29.63 -8.33
C ALA B 550 30.82 30.53 -7.82
N GLN B 551 29.96 30.99 -8.73
CA GLN B 551 28.87 31.86 -8.35
C GLN B 551 27.62 31.04 -8.12
N ASN B 552 27.50 29.96 -8.88
CA ASN B 552 26.35 29.06 -8.81
C ASN B 552 26.39 28.10 -7.63
N CYS B 553 27.58 27.91 -7.05
CA CYS B 553 27.76 27.04 -5.90
C CYS B 553 26.67 27.32 -4.87
N VAL B 554 25.98 26.28 -4.40
CA VAL B 554 24.92 26.44 -3.39
C VAL B 554 25.37 25.95 -2.02
N HIS B 555 26.68 25.80 -1.87
CA HIS B 555 27.32 25.38 -0.61
C HIS B 555 26.94 24.00 -0.07
N CYS B 556 26.70 23.03 -0.93
CA CYS B 556 26.33 21.70 -0.46
C CYS B 556 27.50 20.80 -0.03
N LYS B 557 28.73 21.14 -0.44
CA LYS B 557 29.94 20.41 -0.05
C LYS B 557 30.11 19.03 -0.72
N THR B 558 29.33 18.77 -1.76
CA THR B 558 29.39 17.47 -2.41
C THR B 558 30.68 17.23 -3.19
N CYS B 559 31.16 18.25 -3.88
CA CYS B 559 32.39 18.15 -4.68
C CYS B 559 33.61 17.80 -3.83
N ASP B 560 33.71 18.41 -2.65
CA ASP B 560 34.83 18.14 -1.76
C ASP B 560 34.85 16.67 -1.36
N ILE B 561 33.67 16.08 -1.30
CA ILE B 561 33.50 14.69 -0.91
C ILE B 561 33.68 13.66 -2.00
N LYS B 562 33.01 13.88 -3.13
CA LYS B 562 33.04 12.95 -4.23
C LYS B 562 34.19 13.10 -5.23
N ASP B 563 35.13 14.01 -4.96
CA ASP B 563 36.24 14.15 -5.89
C ASP B 563 37.05 12.86 -5.80
N PRO B 564 37.14 12.12 -6.91
CA PRO B 564 37.87 10.85 -6.98
C PRO B 564 39.37 11.02 -6.76
N SER B 565 39.86 12.24 -7.01
CA SER B 565 41.27 12.55 -6.82
C SER B 565 41.45 13.23 -5.47
N GLN B 566 40.35 13.78 -4.95
CA GLN B 566 40.36 14.47 -3.67
C GLN B 566 41.22 15.73 -3.73
N ASN B 567 41.17 16.39 -4.88
CA ASN B 567 41.94 17.60 -5.14
C ASN B 567 41.24 18.86 -4.66
N ILE B 568 39.92 18.89 -4.81
CA ILE B 568 39.14 20.05 -4.41
C ILE B 568 38.95 20.17 -2.90
N ASN B 569 38.91 21.40 -2.42
CA ASN B 569 38.72 21.68 -1.01
C ASN B 569 37.87 22.94 -0.85
N TRP B 570 36.56 22.75 -0.68
CA TRP B 570 35.63 23.85 -0.52
C TRP B 570 36.09 24.74 0.62
N VAL B 571 35.99 26.05 0.43
CA VAL B 571 36.39 27.00 1.46
C VAL B 571 35.35 28.11 1.52
N VAL B 572 35.13 28.67 2.71
CA VAL B 572 34.14 29.73 2.85
C VAL B 572 34.49 30.97 2.04
N PRO B 573 33.56 31.39 1.19
CA PRO B 573 33.76 32.58 0.35
C PRO B 573 33.47 33.82 1.21
N GLU B 574 33.14 34.93 0.58
CA GLU B 574 32.85 36.15 1.33
C GLU B 574 31.47 36.01 1.97
N GLY B 575 31.47 35.98 3.30
CA GLY B 575 30.25 35.84 4.09
C GLY B 575 29.03 36.56 3.54
N GLY B 576 27.95 35.83 3.38
CA GLY B 576 26.73 36.43 2.86
C GLY B 576 26.44 35.86 1.49
N GLY B 577 27.36 35.05 0.98
CA GLY B 577 27.15 34.44 -0.31
C GLY B 577 26.18 33.30 -0.13
N GLY B 578 26.22 32.32 -1.03
CA GLY B 578 25.32 31.18 -0.92
C GLY B 578 23.91 31.45 -1.44
N PRO B 579 22.95 30.59 -1.09
CA PRO B 579 21.56 30.73 -1.52
C PRO B 579 20.66 31.51 -0.57
N ALA B 580 19.44 31.75 -1.04
CA ALA B 580 18.40 32.46 -0.28
C ALA B 580 17.30 31.41 -0.12
N TYR B 581 17.36 30.67 0.98
CA TYR B 581 16.41 29.59 1.29
C TYR B 581 15.27 30.02 2.22
N ASN B 582 14.05 30.05 1.70
CA ASN B 582 12.93 30.46 2.54
C ASN B 582 12.16 29.26 3.04
N GLY B 583 12.39 28.90 4.30
CA GLY B 583 11.69 27.77 4.88
C GLY B 583 11.95 26.46 4.16
N MET B 584 13.23 26.21 3.84
CA MET B 584 13.65 24.98 3.16
C MET B 584 14.15 23.98 4.19
FE1 SF4 C . -32.06 -19.26 4.13
FE2 SF4 C . -32.44 -16.63 4.72
FE3 SF4 C . -33.51 -17.73 2.38
FE4 SF4 C . -30.76 -17.35 2.53
S1 SF4 C . -32.35 -15.80 2.53
S2 SF4 C . -31.83 -19.14 1.84
S3 SF4 C . -30.47 -17.72 4.70
S4 SF4 C . -34.06 -18.24 4.45
PA FAD D . -25.40 -18.57 -10.90
O1A FAD D . -25.04 -17.19 -11.20
O2A FAD D . -25.13 -19.12 -9.54
O5B FAD D . -26.91 -18.71 -11.27
C5B FAD D . -27.73 -19.85 -11.18
C4B FAD D . -29.10 -19.41 -11.75
O4B FAD D . -29.95 -20.47 -11.70
C3B FAD D . -29.71 -18.27 -10.90
O3B FAD D . -30.14 -17.20 -11.82
C2B FAD D . -30.89 -18.97 -10.28
O2B FAD D . -32.00 -18.11 -10.08
C1B FAD D . -31.27 -20.09 -11.25
N9A FAD D . -31.81 -21.28 -10.57
C8A FAD D . -31.34 -21.96 -9.43
N7A FAD D . -32.04 -23.01 -9.08
C5A FAD D . -33.02 -23.02 -10.05
C6A FAD D . -34.13 -23.89 -10.30
N6A FAD D . -34.36 -24.91 -9.53
N1A FAD D . -34.94 -23.62 -11.35
C2A FAD D . -34.69 -22.54 -12.15
N3A FAD D . -33.69 -21.67 -12.04
C4A FAD D . -32.89 -21.96 -10.96
N1 FAD D . -16.92 -14.54 -9.94
C2 FAD D . -16.00 -13.96 -10.67
O2 FAD D . -15.69 -14.52 -11.71
N3 FAD D . -15.44 -12.75 -10.20
C4 FAD D . -15.78 -12.07 -8.98
O4 FAD D . -15.19 -11.01 -8.69
C4X FAD D . -16.82 -12.75 -8.23
N5 FAD D . -17.21 -12.12 -7.06
C5X FAD D . -18.24 -12.75 -6.37
C6 FAD D . -18.70 -12.10 -5.17
C7 FAD D . -19.77 -12.62 -4.40
C7M FAD D . -20.21 -11.85 -3.17
C8 FAD D . -20.42 -13.86 -4.83
C8M FAD D . -21.57 -14.47 -4.11
C9 FAD D . -19.99 -14.50 -5.95
C9A FAD D . -18.90 -13.99 -6.77
N10 FAD D . -18.40 -14.62 -8.00
C10 FAD D . -17.33 -13.96 -8.76
C1' FAD D . -18.94 -15.81 -8.48
C2' FAD D . -19.94 -15.88 -9.52
O2' FAD D . -21.07 -15.14 -9.12
C3' FAD D . -20.27 -17.34 -9.73
O3' FAD D . -19.27 -18.39 -9.80
C4' FAD D . -21.19 -17.64 -10.93
O4' FAD D . -22.28 -16.76 -11.11
C5' FAD D . -21.77 -19.02 -10.80
O5' FAD D . -22.61 -19.26 -11.91
P FAD D . -23.58 -20.15 -12.55
O1P FAD D . -23.57 -19.96 -13.98
O2P FAD D . -23.38 -21.54 -12.00
O3P FAD D . -24.93 -19.57 -11.92
O TBU E . -10.66 -13.32 -0.95
C TBU E . -11.38 -12.52 -0.03
C1 TBU E . -12.76 -12.20 -0.59
C2 TBU E . -10.62 -11.22 0.23
C3 TBU E . -11.54 -13.29 1.27
O TBU F . -7.17 -16.37 0.43
C TBU F . -6.09 -15.51 0.81
C1 TBU F . -5.78 -14.54 -0.33
C2 TBU F . -4.87 -16.36 1.12
C3 TBU F . -6.46 -14.72 2.03
O TBU G . -2.62 -13.39 -1.80
C TBU G . -1.70 -12.39 -1.38
C1 TBU G . -1.86 -12.16 0.15
C2 TBU G . -1.97 -11.09 -2.15
C3 TBU G . -0.26 -12.85 -1.66
O TBU H . -33.23 5.73 -3.83
C TBU H . -33.47 4.32 -3.86
C1 TBU H . -32.40 3.60 -3.02
C2 TBU H . -33.44 3.82 -5.28
C3 TBU H . -34.82 4.03 -3.26
FE1 SF4 I . 30.53 22.00 -5.08
FE2 SF4 I . 28.46 22.47 -6.86
FE3 SF4 I . 28.88 24.18 -4.61
FE4 SF4 I . 27.95 21.70 -4.27
S1 SF4 I . 26.87 23.27 -5.31
S2 SF4 I . 29.53 22.63 -3.08
S3 SF4 I . 28.95 20.50 -5.85
S4 SF4 I . 30.27 23.87 -6.33
PA FAD J . 23.12 22.33 9.56
O1A FAD J . 21.63 22.24 9.52
O2A FAD J . 23.95 21.67 8.49
O5B FAD J . 23.44 23.83 9.53
C5B FAD J . 24.77 24.35 9.60
C4B FAD J . 24.71 25.89 9.44
O4B FAD J . 26.02 26.31 9.57
C3B FAD J . 24.26 26.28 8.02
O3B FAD J . 23.17 27.24 8.10
C2B FAD J . 25.56 26.88 7.43
O2B FAD J . 25.28 28.00 6.60
C1B FAD J . 26.41 27.33 8.63
N9A FAD J . 27.90 27.21 8.43
C8A FAD J . 28.61 26.21 7.76
N7A FAD J . 29.90 26.36 7.74
C5A FAD J . 30.08 27.55 8.44
C6A FAD J . 31.25 28.31 8.78
N6A FAD J . 32.47 27.91 8.43
N1A FAD J . 31.08 29.49 9.51
C2A FAD J . 29.83 29.90 9.87
N3A FAD J . 28.67 29.27 9.60
C4A FAD J . 28.86 28.08 8.87
N1 FAD J . 16.04 15.35 9.79
C2 FAD J . 14.89 14.95 10.39
O2 FAD J . 14.82 14.92 11.63
N3 FAD J . 13.81 14.60 9.54
C4 FAD J . 13.77 14.62 8.12
O4 FAD J . 12.72 14.28 7.53
C4X FAD J . 15.03 15.06 7.52
N5 FAD J . 15.02 15.12 6.13
C5X FAD J . 16.20 15.56 5.54
C6 FAD J . 16.20 15.66 4.08
C7 FAD J . 17.32 16.13 3.37
C7M FAD J . 17.24 16.22 1.85
C8 FAD J . 18.53 16.51 4.09
C8M FAD J . 19.77 17.03 3.41
C9 FAD J . 18.56 16.42 5.48
C9A FAD J . 17.41 15.96 6.24
N10 FAD J . 17.36 15.86 7.72
C10 FAD J . 16.11 15.40 8.40
C1' FAD J . 18.50 16.22 8.51
C2' FAD J . 18.80 17.59 8.96
O2' FAD J . 18.94 18.46 7.84
C3' FAD J . 20.12 17.59 9.74
O3' FAD J . 20.66 16.53 10.55
C4' FAD J . 20.33 18.88 10.62
O4' FAD J . 19.83 20.09 10.11
C5' FAD J . 21.83 19.07 10.80
O5' FAD J . 22.20 20.25 11.55
P FAD J . 23.34 21.10 12.19
O1P FAD J . 22.75 21.96 13.31
O2P FAD J . 24.53 20.20 12.48
O3P FAD J . 23.75 21.98 10.89
O TBU K . 16.26 1.64 2.33
C TBU K . 16.42 1.17 3.66
C1 TBU K . 17.29 2.16 4.43
C2 TBU K . 17.10 -0.19 3.65
C3 TBU K . 15.05 1.07 4.31
O TBU L . 15.56 7.39 0.61
C TBU L . 15.44 6.61 1.80
C1 TBU L . 16.18 7.32 2.94
C2 TBU L . 16.05 5.23 1.58
C3 TBU L . 13.96 6.49 2.16
#